data_7ZE1
#
_entry.id   7ZE1
#
_cell.length_a   1.00
_cell.length_b   1.00
_cell.length_c   1.00
_cell.angle_alpha   90.00
_cell.angle_beta   90.00
_cell.angle_gamma   90.00
#
_symmetry.space_group_name_H-M   'P 1'
#
_entity_poly.entity_id   1
_entity_poly.type   'polypeptide(L)'
_entity_poly.pdbx_seq_one_letter_code
;MRFILVAVLAGLCAVSAISTSESSNYSQQQRDVWRLFKYINQPSYYKDHVEIAHSYYFYDHASNYAKHEVVEEFYRYFKY
DTFLQRGEIFSVFHGEHLKQAIALFKLFYYANDFDTFYKTAVWARQHVNEGMFLYAFSVALIHRPDTYYFSLPPIYEIYP
HYFYNYEVIQKAQHYKQMYYGQDGAHYNDRTIYANYSGYYVNVYPEQALAYFTEDVGVNSFYYYYNLYYPYWMSGEEFNL
KYDNRGEIFYYMYQQILARYYLERLSHGFGEIDHFDWEVPFESGYYPSMCYPNGLYFPTRHAYAHLYEYFYNYGQHYGFN
KYAHSYTHISDYERRIHDVIDSGYVHTHSGQKVDLFSHEGLDILGNLIEGNPESPYYHYYGAYQVFARHLLGYSHQPLTF
HKLHPSALEHFETSMRDPAFYQLYKKLLGFFFRYKSQHYHYYDEHDLAYHGVHVKHVEVDPLVTYFDYFYADLSNAVYVT
PEEFVHDSFKVHVAQERLNHKPFTYKIYIDSDKDTEAVVKVFLGPKYDEYGRYINLTENWMNFVQFDHFVYKLKSGENVI
SRNSHEIYNYIHDRTSYYELYQKAFGVYNKDQHFQFHDNQFFFGFPQRYMLPRGSPEGMTYQFYVFVTKYHPYKAHASVP
MVGSGMHYVDAYPMGYPFDRPVYYEELFYALPNSYFQDVRIYYQGHNYEHHANHLIEM
;
_entity_poly.pdbx_strand_id   A
#
# COMPACT_ATOMS: atom_id res chain seq x y z
N ASN A 25 13.36 -5.27 27.89
CA ASN A 25 13.11 -6.50 27.18
C ASN A 25 12.42 -6.22 25.85
N TYR A 26 12.04 -7.29 25.14
CA TYR A 26 11.31 -7.12 23.89
C TYR A 26 9.98 -6.41 24.13
N SER A 27 9.27 -6.77 25.20
CA SER A 27 8.01 -6.11 25.52
C SER A 27 8.24 -4.64 25.86
N GLN A 28 9.28 -4.34 26.64
CA GLN A 28 9.57 -2.96 26.98
C GLN A 28 10.00 -2.16 25.75
N GLN A 29 10.79 -2.78 24.87
CA GLN A 29 11.16 -2.11 23.63
C GLN A 29 9.92 -1.82 22.79
N GLN A 30 8.99 -2.77 22.73
CA GLN A 30 7.74 -2.54 22.02
C GLN A 30 6.96 -1.38 22.61
N ARG A 31 6.87 -1.33 23.93
CA ARG A 31 6.13 -0.25 24.58
C ARG A 31 6.79 1.10 24.33
N ASP A 32 8.13 1.15 24.37
CA ASP A 32 8.82 2.39 24.07
C ASP A 32 8.61 2.82 22.62
N VAL A 33 8.64 1.86 21.70
CA VAL A 33 8.38 2.16 20.30
C VAL A 33 6.99 2.77 20.14
N TRP A 34 5.99 2.18 20.80
CA TRP A 34 4.64 2.74 20.72
C TRP A 34 4.58 4.13 21.35
N ARG A 35 5.26 4.31 22.48
CA ARG A 35 5.29 5.62 23.13
C ARG A 35 5.86 6.69 22.20
N LEU A 36 6.83 6.31 21.37
CA LEU A 36 7.44 7.29 20.48
C LEU A 36 6.44 7.90 19.51
N PHE A 37 5.30 7.26 19.27
CA PHE A 37 4.34 7.70 18.27
C PHE A 37 3.18 8.50 18.84
N LYS A 38 3.19 8.78 20.14
CA LYS A 38 2.08 9.52 20.76
C LYS A 38 2.22 11.01 20.50
N TYR A 39 1.12 11.63 20.06
CA TYR A 39 1.06 13.06 19.82
C TYR A 39 2.24 13.52 18.96
N ILE A 40 2.25 13.01 17.72
CA ILE A 40 3.36 13.29 16.82
C ILE A 40 3.42 14.78 16.47
N ASN A 41 2.25 15.42 16.33
CA ASN A 41 2.23 16.83 15.96
C ASN A 41 2.74 17.74 17.07
N GLN A 42 2.93 17.21 18.28
CA GLN A 42 3.43 17.98 19.41
C GLN A 42 4.79 17.43 19.84
N PRO A 43 5.62 18.25 20.50
CA PRO A 43 6.85 17.71 21.08
C PRO A 43 6.54 16.69 22.17
N SER A 44 7.40 15.69 22.28
CA SER A 44 7.23 14.65 23.29
C SER A 44 7.48 15.25 24.67
N TYR A 45 6.43 15.29 25.50
CA TYR A 45 6.54 15.87 26.83
C TYR A 45 6.88 14.85 27.90
N TYR A 46 7.15 13.60 27.53
CA TYR A 46 7.69 12.64 28.49
C TYR A 46 9.02 13.16 29.01
N LYS A 47 9.28 12.91 30.31
CA LYS A 47 10.51 13.40 30.90
C LYS A 47 11.72 12.71 30.30
N ASP A 48 11.65 11.38 30.12
CA ASP A 48 12.76 10.66 29.53
C ASP A 48 13.03 11.12 28.10
N HIS A 49 11.97 11.33 27.32
CA HIS A 49 12.16 11.79 25.94
C HIS A 49 12.84 13.14 25.91
N VAL A 50 12.40 14.07 26.76
CA VAL A 50 12.97 15.41 26.77
C VAL A 50 14.44 15.35 27.17
N GLU A 51 14.74 14.58 28.22
CA GLU A 51 16.13 14.47 28.66
C GLU A 51 17.01 13.88 27.56
N ILE A 52 16.54 12.81 26.91
CA ILE A 52 17.34 12.17 25.88
C ILE A 52 17.58 13.12 24.71
N ALA A 53 16.52 13.82 24.28
CA ALA A 53 16.67 14.71 23.15
C ALA A 53 17.61 15.87 23.47
N HIS A 54 17.48 16.46 24.67
CA HIS A 54 18.30 17.62 25.01
C HIS A 54 19.75 17.25 25.26
N SER A 55 20.00 16.08 25.85
CA SER A 55 21.37 15.69 26.18
C SER A 55 22.08 14.98 25.04
N TYR A 56 21.37 14.19 24.24
CA TYR A 56 22.01 13.43 23.18
C TYR A 56 22.47 14.34 22.05
N TYR A 57 23.48 13.87 21.32
CA TYR A 57 24.01 14.59 20.16
C TYR A 57 24.61 13.54 19.22
N PHE A 58 23.90 13.25 18.13
CA PHE A 58 24.38 12.21 17.21
C PHE A 58 25.71 12.61 16.58
N TYR A 59 25.84 13.87 16.16
CA TYR A 59 27.11 14.32 15.59
C TYR A 59 28.21 14.35 16.62
N ASP A 60 27.87 14.60 17.89
CA ASP A 60 28.89 14.66 18.93
C ASP A 60 29.59 13.32 19.09
N HIS A 61 28.84 12.22 19.02
CA HIS A 61 29.43 10.90 19.13
C HIS A 61 29.98 10.46 17.78
N ALA A 62 29.13 10.34 16.77
CA ALA A 62 29.57 10.11 15.40
C ALA A 62 30.30 8.79 15.24
N SER A 63 30.35 7.95 16.28
CA SER A 63 31.04 6.67 16.21
C SER A 63 30.11 5.49 16.40
N ASN A 64 28.92 5.69 16.96
CA ASN A 64 27.98 4.61 17.21
C ASN A 64 27.22 4.19 15.97
N TYR A 65 27.36 4.91 14.86
CA TYR A 65 26.73 4.53 13.60
C TYR A 65 27.75 3.85 12.70
N ALA A 66 27.30 2.81 11.99
CA ALA A 66 28.21 2.00 11.19
C ALA A 66 28.94 2.82 10.13
N LYS A 67 28.40 3.97 9.74
CA LYS A 67 28.99 4.77 8.67
C LYS A 67 29.01 6.23 9.10
N HIS A 68 30.15 6.89 8.89
CA HIS A 68 30.23 8.32 9.18
C HIS A 68 29.68 9.18 8.06
N GLU A 69 29.55 8.62 6.85
CA GLU A 69 28.99 9.37 5.74
C GLU A 69 27.54 9.74 6.01
N VAL A 70 26.76 8.82 6.57
CA VAL A 70 25.34 9.08 6.80
C VAL A 70 25.17 10.19 7.83
N VAL A 71 25.93 10.14 8.91
CA VAL A 71 25.83 11.18 9.94
C VAL A 71 26.31 12.51 9.39
N GLU A 72 27.38 12.51 8.60
CA GLU A 72 27.85 13.76 8.02
C GLU A 72 26.81 14.36 7.08
N GLU A 73 26.16 13.53 6.27
CA GLU A 73 25.12 14.02 5.38
C GLU A 73 23.96 14.60 6.16
N PHE A 74 23.52 13.90 7.20
CA PHE A 74 22.40 14.42 7.98
C PHE A 74 22.77 15.70 8.70
N TYR A 75 24.02 15.80 9.19
CA TYR A 75 24.47 17.04 9.82
C TYR A 75 24.47 18.19 8.83
N ARG A 76 24.96 17.93 7.61
CA ARG A 76 24.94 18.97 6.58
C ARG A 76 23.52 19.43 6.32
N TYR A 77 22.58 18.49 6.23
CA TYR A 77 21.18 18.88 6.02
C TYR A 77 20.66 19.67 7.21
N PHE A 78 20.99 19.24 8.43
CA PHE A 78 20.35 19.78 9.62
C PHE A 78 20.83 21.19 9.94
N LYS A 79 22.12 21.46 9.75
CA LYS A 79 22.68 22.72 10.22
C LYS A 79 22.51 23.87 9.22
N TYR A 80 22.94 23.67 7.98
CA TYR A 80 23.13 24.79 7.06
C TYR A 80 21.84 25.12 6.29
N ASP A 81 20.82 25.45 7.07
CA ASP A 81 19.55 25.96 6.54
C ASP A 81 19.08 25.20 5.31
N THR A 82 19.14 23.87 5.35
CA THR A 82 18.63 23.03 4.28
C THR A 82 17.79 21.90 4.85
N PHE A 83 17.10 22.16 5.96
CA PHE A 83 16.31 21.15 6.63
C PHE A 83 14.87 21.62 6.76
N LEU A 84 13.95 20.66 6.73
CA LEU A 84 12.52 20.93 6.85
C LEU A 84 12.18 21.13 8.31
N GLN A 85 11.79 22.35 8.68
CA GLN A 85 11.51 22.67 10.07
C GLN A 85 10.21 22.00 10.53
N ARG A 86 10.01 22.02 11.85
CA ARG A 86 8.76 21.49 12.39
C ARG A 86 7.59 22.37 11.97
N GLY A 87 6.45 21.72 11.71
CA GLY A 87 5.25 22.41 11.31
C GLY A 87 5.05 22.54 9.82
N GLU A 88 6.03 22.18 9.01
CA GLU A 88 5.91 22.23 7.56
C GLU A 88 5.40 20.92 7.01
N ILE A 89 4.62 21.01 5.93
CA ILE A 89 4.09 19.82 5.29
C ILE A 89 5.23 19.03 4.67
N PHE A 90 5.19 17.70 4.85
CA PHE A 90 6.17 16.79 4.30
C PHE A 90 5.52 15.93 3.23
N SER A 91 6.20 15.78 2.10
CA SER A 91 5.72 14.94 1.01
C SER A 91 6.88 14.09 0.51
N VAL A 92 6.71 12.77 0.55
CA VAL A 92 7.77 11.87 0.12
C VAL A 92 8.00 11.92 -1.39
N PHE A 93 7.12 12.58 -2.14
CA PHE A 93 7.25 12.70 -3.58
C PHE A 93 7.91 13.99 -4.00
N HIS A 94 8.36 14.81 -3.04
CA HIS A 94 9.19 15.96 -3.34
C HIS A 94 10.65 15.56 -3.23
N GLY A 95 11.47 16.04 -4.17
CA GLY A 95 12.84 15.56 -4.25
C GLY A 95 13.63 15.80 -2.98
N GLU A 96 13.58 17.04 -2.46
CA GLU A 96 14.42 17.37 -1.31
C GLU A 96 13.84 16.80 -0.03
N HIS A 97 12.51 16.78 0.11
CA HIS A 97 11.88 16.05 1.20
C HIS A 97 12.35 14.60 1.20
N LEU A 98 12.34 13.98 0.03
CA LEU A 98 12.75 12.58 -0.06
C LEU A 98 14.21 12.41 0.31
N LYS A 99 15.07 13.31 -0.15
CA LYS A 99 16.49 13.20 0.18
C LYS A 99 16.71 13.31 1.68
N GLN A 100 16.06 14.27 2.33
CA GLN A 100 16.22 14.44 3.77
C GLN A 100 15.66 13.24 4.53
N ALA A 101 14.50 12.72 4.10
CA ALA A 101 13.93 11.55 4.75
C ALA A 101 14.83 10.34 4.59
N ILE A 102 15.47 10.20 3.42
CA ILE A 102 16.41 9.12 3.20
C ILE A 102 17.62 9.26 4.13
N ALA A 103 18.13 10.49 4.27
CA ALA A 103 19.26 10.70 5.16
C ALA A 103 18.91 10.32 6.60
N LEU A 104 17.72 10.74 7.06
CA LEU A 104 17.31 10.39 8.42
C LEU A 104 17.10 8.88 8.57
N PHE A 105 16.49 8.25 7.57
CA PHE A 105 16.30 6.80 7.65
C PHE A 105 17.63 6.07 7.70
N LYS A 106 18.61 6.54 6.94
CA LYS A 106 19.93 5.92 6.97
C LYS A 106 20.60 6.14 8.32
N LEU A 107 20.39 7.31 8.93
CA LEU A 107 20.88 7.53 10.28
C LEU A 107 20.26 6.55 11.26
N PHE A 108 18.94 6.34 11.16
CA PHE A 108 18.26 5.41 12.05
C PHE A 108 18.71 3.97 11.81
N TYR A 109 18.90 3.60 10.55
CA TYR A 109 19.12 2.21 10.17
C TYR A 109 20.54 1.75 10.49
N TYR A 110 21.52 2.63 10.34
CA TYR A 110 22.92 2.29 10.55
C TYR A 110 23.37 2.55 11.98
N ALA A 111 22.45 2.47 12.92
CA ALA A 111 22.80 2.51 14.34
C ALA A 111 23.37 1.16 14.74
N ASN A 112 24.61 1.17 15.23
CA ASN A 112 25.30 -0.09 15.49
C ASN A 112 24.55 -0.94 16.49
N ASP A 113 23.96 -0.31 17.51
CA ASP A 113 23.19 -0.99 18.53
C ASP A 113 21.82 -0.33 18.67
N PHE A 114 20.86 -1.09 19.21
CA PHE A 114 19.50 -0.60 19.33
C PHE A 114 19.42 0.62 20.25
N ASP A 115 20.28 0.69 21.27
CA ASP A 115 20.24 1.82 22.18
C ASP A 115 20.53 3.13 21.46
N THR A 116 21.53 3.13 20.58
CA THR A 116 21.83 4.32 19.80
C THR A 116 20.66 4.66 18.88
N PHE A 117 20.03 3.64 18.30
CA PHE A 117 18.86 3.87 17.46
C PHE A 117 17.74 4.54 18.25
N TYR A 118 17.52 4.09 19.48
CA TYR A 118 16.46 4.68 20.29
C TYR A 118 16.78 6.12 20.66
N LYS A 119 18.05 6.40 21.02
CA LYS A 119 18.41 7.77 21.34
C LYS A 119 18.24 8.68 20.14
N THR A 120 18.68 8.22 18.97
CA THR A 120 18.49 9.00 17.75
C THR A 120 17.02 9.22 17.46
N ALA A 121 16.20 8.19 17.65
CA ALA A 121 14.77 8.31 17.39
C ALA A 121 14.14 9.34 18.32
N VAL A 122 14.51 9.31 19.60
CA VAL A 122 13.96 10.30 20.54
C VAL A 122 14.38 11.71 20.13
N TRP A 123 15.66 11.89 19.82
CA TRP A 123 16.12 13.21 19.40
C TRP A 123 15.35 13.70 18.18
N ALA A 124 15.22 12.84 17.17
CA ALA A 124 14.53 13.22 15.95
C ALA A 124 13.06 13.53 16.23
N ARG A 125 12.42 12.73 17.09
CA ARG A 125 11.06 13.02 17.50
C ARG A 125 10.94 14.42 18.04
N GLN A 126 11.87 14.81 18.92
CA GLN A 126 11.76 16.12 19.56
C GLN A 126 12.24 17.26 18.66
N HIS A 127 12.98 16.98 17.60
CA HIS A 127 13.65 18.04 16.86
C HIS A 127 13.34 18.03 15.36
N VAL A 128 13.22 16.86 14.76
CA VAL A 128 13.03 16.75 13.32
C VAL A 128 11.56 16.92 12.99
N ASN A 129 11.28 17.27 11.73
CA ASN A 129 9.91 17.45 11.26
C ASN A 129 9.07 16.21 11.56
N GLU A 130 7.78 16.44 11.81
CA GLU A 130 6.91 15.36 12.26
C GLU A 130 6.72 14.30 11.18
N GLY A 131 6.35 14.72 9.97
CA GLY A 131 6.13 13.76 8.90
C GLY A 131 7.42 13.07 8.48
N MET A 132 8.49 13.85 8.34
CA MET A 132 9.78 13.28 7.96
C MET A 132 10.25 12.27 8.99
N PHE A 133 10.16 12.63 10.28
CA PHE A 133 10.55 11.71 11.33
C PHE A 133 9.69 10.45 11.29
N LEU A 134 8.38 10.62 11.14
CA LEU A 134 7.50 9.45 11.12
C LEU A 134 7.86 8.51 9.99
N TYR A 135 8.08 9.05 8.80
CA TYR A 135 8.39 8.20 7.65
C TYR A 135 9.73 7.49 7.82
N ALA A 136 10.78 8.26 8.16
CA ALA A 136 12.09 7.65 8.32
C ALA A 136 12.08 6.60 9.42
N PHE A 137 11.46 6.92 10.55
CA PHE A 137 11.41 5.99 11.67
C PHE A 137 10.66 4.71 11.29
N SER A 138 9.52 4.84 10.61
CA SER A 138 8.77 3.66 10.23
C SER A 138 9.55 2.78 9.26
N VAL A 139 10.15 3.40 8.25
CA VAL A 139 10.89 2.60 7.27
C VAL A 139 12.05 1.90 7.96
N ALA A 140 12.75 2.60 8.86
CA ALA A 140 13.83 1.97 9.60
C ALA A 140 13.32 0.79 10.42
N LEU A 141 12.20 0.97 11.11
CA LEU A 141 11.68 -0.08 11.98
C LEU A 141 11.32 -1.33 11.19
N ILE A 142 10.59 -1.17 10.09
CA ILE A 142 10.27 -2.35 9.27
C ILE A 142 11.52 -2.94 8.63
N HIS A 143 12.55 -2.14 8.37
CA HIS A 143 13.70 -2.63 7.64
C HIS A 143 14.92 -2.93 8.52
N ARG A 144 14.90 -2.57 9.78
CA ARG A 144 16.07 -2.79 10.62
C ARG A 144 16.16 -4.28 11.00
N PRO A 145 17.36 -4.86 11.04
CA PRO A 145 17.47 -6.27 11.46
C PRO A 145 16.88 -6.55 12.84
N ASP A 146 17.05 -5.62 13.78
CA ASP A 146 16.65 -5.90 15.16
C ASP A 146 15.17 -5.67 15.37
N THR A 147 14.62 -4.59 14.81
CA THR A 147 13.26 -4.18 15.08
C THR A 147 12.29 -4.50 13.95
N TYR A 148 12.64 -5.46 13.09
CA TYR A 148 11.72 -5.86 12.02
C TYR A 148 10.41 -6.39 12.60
N TYR A 149 10.48 -7.12 13.71
CA TYR A 149 9.31 -7.78 14.28
C TYR A 149 8.55 -6.89 15.25
N PHE A 150 8.85 -5.60 15.31
CA PHE A 150 8.14 -4.69 16.18
C PHE A 150 6.82 -4.27 15.55
N SER A 151 5.73 -4.39 16.30
CA SER A 151 4.46 -3.87 15.84
C SER A 151 4.48 -2.34 15.86
N LEU A 152 3.67 -1.74 15.01
CA LEU A 152 3.58 -0.29 14.95
C LEU A 152 2.14 0.15 15.15
N PRO A 153 1.90 1.21 15.92
CA PRO A 153 0.53 1.68 16.13
C PRO A 153 -0.10 2.06 14.80
N PRO A 154 -1.40 1.84 14.63
CA PRO A 154 -2.01 2.07 13.31
C PRO A 154 -1.77 3.49 12.83
N ILE A 155 -1.42 3.61 11.55
CA ILE A 155 -1.09 4.92 11.00
C ILE A 155 -2.31 5.84 11.05
N TYR A 156 -3.50 5.28 10.82
CA TYR A 156 -4.70 6.10 10.87
C TYR A 156 -4.97 6.64 12.27
N GLU A 157 -4.34 6.07 13.30
CA GLU A 157 -4.44 6.60 14.65
C GLU A 157 -3.30 7.57 14.98
N ILE A 158 -2.10 7.29 14.48
CA ILE A 158 -0.95 8.15 14.76
C ILE A 158 -1.12 9.51 14.11
N TYR A 159 -1.48 9.53 12.82
CA TYR A 159 -1.53 10.77 12.05
C TYR A 159 -2.92 10.84 11.41
N PRO A 160 -3.96 11.04 12.21
CA PRO A 160 -5.33 10.94 11.69
C PRO A 160 -5.71 12.00 10.67
N HIS A 161 -4.92 13.07 10.53
CA HIS A 161 -5.30 14.13 9.61
C HIS A 161 -5.36 13.64 8.17
N TYR A 162 -4.68 12.54 7.85
CA TYR A 162 -4.66 12.00 6.50
C TYR A 162 -5.75 10.95 6.27
N PHE A 163 -6.58 10.66 7.27
CA PHE A 163 -7.51 9.55 7.18
C PHE A 163 -8.95 9.91 7.47
N TYR A 164 -9.22 11.10 8.01
CA TYR A 164 -10.58 11.51 8.32
C TYR A 164 -10.81 12.92 7.80
N ASN A 165 -12.05 13.20 7.40
CA ASN A 165 -12.39 14.53 6.92
C ASN A 165 -12.19 15.55 8.03
N TYR A 166 -11.95 16.80 7.64
CA TYR A 166 -11.68 17.83 8.64
C TYR A 166 -12.89 18.09 9.53
N GLU A 167 -14.09 17.68 9.10
CA GLU A 167 -15.25 17.79 9.97
C GLU A 167 -15.15 16.87 11.18
N VAL A 168 -14.22 15.92 11.17
CA VAL A 168 -13.97 15.06 12.32
C VAL A 168 -12.89 15.64 13.21
N ILE A 169 -11.80 16.12 12.60
CA ILE A 169 -10.70 16.70 13.36
C ILE A 169 -11.17 17.97 14.07
N GLN A 170 -11.94 18.80 13.38
CA GLN A 170 -12.44 20.02 14.00
C GLN A 170 -13.41 19.70 15.14
N LYS A 171 -14.18 18.63 15.02
CA LYS A 171 -15.09 18.26 16.10
C LYS A 171 -14.32 17.71 17.30
N ALA A 172 -13.28 16.92 17.04
CA ALA A 172 -12.42 16.47 18.14
C ALA A 172 -11.79 17.65 18.85
N GLN A 173 -11.37 18.67 18.09
CA GLN A 173 -10.77 19.85 18.71
C GLN A 173 -11.82 20.70 19.43
N HIS A 174 -13.05 20.72 18.93
CA HIS A 174 -14.15 21.29 19.70
C HIS A 174 -14.24 20.64 21.07
N TYR A 175 -14.29 19.31 21.10
CA TYR A 175 -14.38 18.62 22.39
C TYR A 175 -13.17 18.93 23.26
N LYS A 176 -11.98 18.99 22.65
CA LYS A 176 -10.78 19.26 23.43
C LYS A 176 -10.82 20.65 24.05
N GLN A 177 -11.24 21.65 23.28
CA GLN A 177 -11.35 23.00 23.81
C GLN A 177 -12.39 23.08 24.92
N MET A 178 -13.52 22.39 24.75
CA MET A 178 -14.58 22.43 25.75
C MET A 178 -14.25 21.65 27.00
N TYR A 179 -13.43 20.59 26.89
CA TYR A 179 -13.07 19.77 28.03
C TYR A 179 -12.05 20.50 28.89
N TYR A 180 -12.55 21.22 29.91
CA TYR A 180 -11.68 21.90 30.87
C TYR A 180 -12.41 21.96 32.21
N GLY A 181 -12.17 20.97 33.06
CA GLY A 181 -12.63 21.02 34.43
C GLY A 181 -14.14 20.82 34.56
N GLN A 182 -14.89 21.82 34.09
CA GLN A 182 -16.34 21.76 34.21
C GLN A 182 -16.92 20.77 33.21
N ASP A 183 -18.13 20.30 33.50
CA ASP A 183 -18.81 19.33 32.64
C ASP A 183 -18.01 18.04 32.56
N GLY A 184 -17.80 17.39 33.71
CA GLY A 184 -17.10 16.13 33.72
C GLY A 184 -17.92 15.02 33.09
N ALA A 185 -17.22 14.01 32.57
CA ALA A 185 -17.87 12.94 31.81
C ALA A 185 -18.70 13.53 30.68
N HIS A 186 -18.17 14.58 30.05
CA HIS A 186 -18.88 15.33 29.03
C HIS A 186 -17.84 16.02 28.17
N TYR A 187 -17.83 15.73 26.87
CA TYR A 187 -16.80 16.15 25.92
C TYR A 187 -15.53 15.34 26.09
N ASN A 188 -15.56 14.30 26.92
CA ASN A 188 -14.45 13.36 27.06
C ASN A 188 -14.96 11.97 26.70
N ASP A 189 -14.03 11.09 26.34
CA ASP A 189 -14.35 9.74 25.86
C ASP A 189 -15.59 9.76 24.97
N ARG A 190 -15.65 10.70 24.04
CA ARG A 190 -16.79 10.84 23.15
C ARG A 190 -16.52 10.17 21.82
N THR A 191 -17.56 9.60 21.24
CA THR A 191 -17.47 8.92 19.96
C THR A 191 -17.99 9.87 18.87
N ILE A 192 -17.14 10.16 17.90
CA ILE A 192 -17.50 10.97 16.75
C ILE A 192 -17.91 10.02 15.62
N TYR A 193 -19.15 10.15 15.16
CA TYR A 193 -19.65 9.33 14.07
C TYR A 193 -19.34 10.03 12.75
N ALA A 194 -18.29 9.56 12.08
CA ALA A 194 -17.84 10.17 10.83
C ALA A 194 -18.57 9.56 9.65
N ASN A 195 -18.79 10.37 8.63
CA ASN A 195 -19.35 9.93 7.36
C ASN A 195 -18.29 9.98 6.28
N TYR A 196 -18.58 9.34 5.15
CA TYR A 196 -17.63 9.32 4.05
C TYR A 196 -17.82 10.57 3.20
N SER A 197 -17.03 10.68 2.13
CA SER A 197 -16.83 11.97 1.48
C SER A 197 -18.13 12.55 0.93
N GLY A 198 -18.97 11.72 0.32
CA GLY A 198 -20.14 12.20 -0.38
C GLY A 198 -21.36 12.44 0.48
N TYR A 199 -21.23 12.45 1.81
CA TYR A 199 -22.39 12.64 2.68
C TYR A 199 -22.93 14.05 2.57
N TYR A 200 -22.06 15.05 2.66
CA TYR A 200 -22.51 16.44 2.68
C TYR A 200 -22.56 17.03 1.28
N VAL A 201 -21.43 17.07 0.59
CA VAL A 201 -21.35 17.65 -0.74
C VAL A 201 -21.71 16.59 -1.78
N ASN A 202 -22.33 17.01 -2.87
CA ASN A 202 -22.60 16.11 -3.99
C ASN A 202 -21.37 16.08 -4.90
N VAL A 203 -20.37 15.33 -4.44
CA VAL A 203 -19.10 15.20 -5.14
C VAL A 203 -19.27 14.32 -6.36
N TYR A 204 -18.24 14.27 -7.20
CA TYR A 204 -18.25 13.55 -8.47
C TYR A 204 -18.62 12.09 -8.23
N PRO A 205 -19.37 11.45 -9.14
CA PRO A 205 -19.89 10.10 -8.84
C PRO A 205 -18.82 9.05 -8.57
N GLU A 206 -17.62 9.21 -9.14
CA GLU A 206 -16.58 8.21 -8.88
C GLU A 206 -16.23 8.13 -7.41
N GLN A 207 -16.45 9.22 -6.67
CA GLN A 207 -16.23 9.20 -5.23
C GLN A 207 -17.39 8.56 -4.46
N ALA A 208 -18.27 7.85 -5.15
CA ALA A 208 -19.34 7.12 -4.46
C ALA A 208 -18.79 5.88 -3.76
N LEU A 209 -17.66 5.36 -4.23
CA LEU A 209 -17.01 4.21 -3.58
C LEU A 209 -16.06 4.72 -2.49
N ALA A 210 -16.59 5.62 -1.66
CA ALA A 210 -15.79 6.26 -0.62
C ALA A 210 -15.55 5.36 0.57
N TYR A 211 -16.51 4.48 0.90
CA TYR A 211 -16.31 3.60 2.04
C TYR A 211 -15.19 2.60 1.79
N PHE A 212 -14.81 2.39 0.54
CA PHE A 212 -13.68 1.52 0.20
C PHE A 212 -12.42 2.33 -0.08
N THR A 213 -12.50 3.32 -0.98
CA THR A 213 -11.30 4.09 -1.32
C THR A 213 -10.80 4.87 -0.11
N GLU A 214 -11.70 5.34 0.74
CA GLU A 214 -11.34 6.10 1.92
C GLU A 214 -11.32 5.26 3.19
N ASP A 215 -11.46 3.94 3.07
CA ASP A 215 -11.34 3.08 4.23
C ASP A 215 -9.95 3.21 4.84
N VAL A 216 -9.91 3.25 6.17
CA VAL A 216 -8.62 3.39 6.85
C VAL A 216 -7.77 2.16 6.63
N GLY A 217 -8.40 0.98 6.56
CA GLY A 217 -7.63 -0.24 6.37
C GLY A 217 -6.98 -0.34 5.01
N VAL A 218 -7.69 0.07 3.95
CA VAL A 218 -7.13 -0.02 2.61
C VAL A 218 -5.98 0.96 2.43
N ASN A 219 -6.16 2.20 2.91
CA ASN A 219 -5.09 3.17 2.84
C ASN A 219 -3.91 2.76 3.70
N SER A 220 -4.18 2.14 4.85
CA SER A 220 -3.11 1.58 5.67
C SER A 220 -2.38 0.49 4.91
N PHE A 221 -3.11 -0.36 4.19
CA PHE A 221 -2.48 -1.38 3.36
C PHE A 221 -1.50 -0.76 2.37
N TYR A 222 -1.96 0.24 1.62
CA TYR A 222 -1.08 0.86 0.63
C TYR A 222 0.12 1.52 1.30
N TYR A 223 -0.10 2.23 2.40
CA TYR A 223 0.98 2.91 3.09
C TYR A 223 2.00 1.93 3.64
N TYR A 224 1.54 0.80 4.17
CA TYR A 224 2.47 -0.19 4.72
C TYR A 224 3.19 -0.94 3.61
N TYR A 225 2.54 -1.15 2.46
CA TYR A 225 3.25 -1.71 1.33
C TYR A 225 4.38 -0.79 0.90
N ASN A 226 4.12 0.52 0.87
CA ASN A 226 5.16 1.46 0.47
C ASN A 226 6.24 1.62 1.53
N LEU A 227 5.88 1.42 2.80
CA LEU A 227 6.91 1.34 3.83
C LEU A 227 7.79 0.12 3.64
N TYR A 228 7.18 -1.01 3.26
CA TYR A 228 7.93 -2.25 3.16
C TYR A 228 8.86 -2.26 1.95
N TYR A 229 8.42 -1.68 0.83
CA TYR A 229 9.21 -1.63 -0.40
C TYR A 229 9.16 -0.21 -0.94
N PRO A 230 9.90 0.72 -0.34
CA PRO A 230 9.86 2.11 -0.80
C PRO A 230 10.38 2.24 -2.23
N TYR A 231 9.83 3.21 -2.96
CA TYR A 231 10.21 3.41 -4.35
C TYR A 231 11.61 3.96 -4.51
N TRP A 232 12.26 4.36 -3.42
CA TRP A 232 13.60 4.92 -3.46
C TRP A 232 14.66 3.99 -2.87
N MET A 233 14.25 2.88 -2.28
CA MET A 233 15.20 1.97 -1.63
C MET A 233 15.85 1.06 -2.67
N SER A 234 17.16 0.91 -2.56
CA SER A 234 17.93 0.10 -3.49
C SER A 234 17.96 -1.35 -3.02
N GLY A 235 17.68 -2.28 -3.94
CA GLY A 235 17.66 -3.68 -3.58
C GLY A 235 19.05 -4.24 -3.30
N GLU A 236 20.07 -3.65 -3.91
CA GLU A 236 21.44 -4.08 -3.60
C GLU A 236 21.83 -3.71 -2.18
N GLU A 237 21.53 -2.47 -1.78
CA GLU A 237 21.94 -1.99 -0.47
C GLU A 237 21.06 -2.57 0.65
N PHE A 238 19.75 -2.68 0.41
CA PHE A 238 18.80 -3.08 1.43
C PHE A 238 18.13 -4.41 1.12
N ASN A 239 18.75 -5.22 0.26
CA ASN A 239 18.35 -6.61 0.05
C ASN A 239 16.93 -6.75 -0.49
N LEU A 240 16.36 -5.67 -1.04
CA LEU A 240 15.03 -5.77 -1.61
C LEU A 240 15.01 -6.43 -2.99
N LYS A 241 16.18 -6.67 -3.58
CA LYS A 241 16.22 -7.35 -4.87
C LYS A 241 16.03 -8.85 -4.75
N TYR A 242 16.20 -9.42 -3.55
CA TYR A 242 15.88 -10.82 -3.32
C TYR A 242 14.37 -11.04 -3.22
N ASP A 243 13.59 -9.98 -3.18
CA ASP A 243 12.13 -10.03 -3.29
C ASP A 243 11.67 -9.56 -4.67
N ASN A 244 12.58 -9.51 -5.64
CA ASN A 244 12.29 -9.07 -7.01
C ASN A 244 11.97 -7.58 -7.06
N ARG A 245 10.88 -7.18 -6.40
CA ARG A 245 10.39 -5.80 -6.32
C ARG A 245 9.75 -5.31 -7.60
N GLY A 246 10.01 -5.98 -8.73
CA GLY A 246 9.41 -5.58 -9.97
C GLY A 246 8.15 -6.37 -10.15
N GLU A 247 8.27 -7.67 -9.92
CA GLU A 247 7.09 -8.52 -9.85
C GLU A 247 6.20 -8.10 -8.68
N ILE A 248 6.80 -7.71 -7.55
CA ILE A 248 6.00 -7.18 -6.45
C ILE A 248 5.27 -5.92 -6.88
N PHE A 249 5.99 -4.96 -7.47
CA PHE A 249 5.33 -3.74 -7.93
C PHE A 249 4.14 -4.06 -8.81
N TYR A 250 4.39 -4.78 -9.90
CA TYR A 250 3.34 -5.21 -10.81
C TYR A 250 2.18 -5.91 -10.11
N TYR A 251 2.49 -6.95 -9.34
CA TYR A 251 1.42 -7.80 -8.83
C TYR A 251 0.59 -7.05 -7.80
N MET A 252 1.24 -6.29 -6.93
CA MET A 252 0.50 -5.52 -5.94
C MET A 252 -0.42 -4.52 -6.60
N TYR A 253 0.09 -3.77 -7.59
CA TYR A 253 -0.76 -2.76 -8.20
C TYR A 253 -1.88 -3.40 -9.02
N GLN A 254 -1.59 -4.50 -9.71
CA GLN A 254 -2.63 -5.19 -10.47
C GLN A 254 -3.71 -5.74 -9.55
N GLN A 255 -3.30 -6.30 -8.40
CA GLN A 255 -4.28 -6.84 -7.47
C GLN A 255 -5.13 -5.74 -6.84
N ILE A 256 -4.51 -4.59 -6.54
CA ILE A 256 -5.27 -3.45 -6.05
C ILE A 256 -6.31 -3.03 -7.09
N LEU A 257 -5.88 -2.93 -8.35
CA LEU A 257 -6.78 -2.55 -9.42
C LEU A 257 -7.92 -3.55 -9.58
N ALA A 258 -7.61 -4.84 -9.48
CA ALA A 258 -8.61 -5.88 -9.62
C ALA A 258 -9.63 -5.85 -8.48
N ARG A 259 -9.15 -5.66 -7.25
CA ARG A 259 -10.06 -5.55 -6.12
C ARG A 259 -10.96 -4.32 -6.26
N TYR A 260 -10.39 -3.21 -6.73
CA TYR A 260 -11.21 -2.03 -7.00
C TYR A 260 -12.25 -2.32 -8.06
N TYR A 261 -11.87 -3.05 -9.11
CA TYR A 261 -12.84 -3.38 -10.16
C TYR A 261 -13.94 -4.27 -9.63
N LEU A 262 -13.61 -5.21 -8.74
CA LEU A 262 -14.64 -6.03 -8.12
C LEU A 262 -15.62 -5.16 -7.34
N GLU A 263 -15.10 -4.20 -6.58
CA GLU A 263 -15.98 -3.31 -5.83
C GLU A 263 -16.85 -2.49 -6.77
N ARG A 264 -16.27 -1.98 -7.85
CA ARG A 264 -17.03 -1.20 -8.82
C ARG A 264 -18.16 -2.04 -9.43
N LEU A 265 -17.87 -3.29 -9.77
CA LEU A 265 -18.90 -4.17 -10.28
C LEU A 265 -19.99 -4.38 -9.23
N SER A 266 -19.60 -4.49 -7.96
CA SER A 266 -20.59 -4.61 -6.90
C SER A 266 -21.54 -3.43 -6.89
N HIS A 267 -21.01 -2.22 -7.06
CA HIS A 267 -21.82 -1.01 -7.01
C HIS A 267 -22.36 -0.59 -8.38
N GLY A 268 -22.28 -1.46 -9.38
CA GLY A 268 -22.80 -1.14 -10.70
C GLY A 268 -21.88 -0.29 -11.55
N PHE A 269 -20.69 0.05 -11.06
CA PHE A 269 -19.74 0.77 -11.86
C PHE A 269 -19.06 -0.19 -12.84
N GLY A 270 -18.41 0.39 -13.84
CA GLY A 270 -17.80 -0.38 -14.91
C GLY A 270 -16.30 -0.47 -14.77
N GLU A 271 -15.62 -0.62 -15.90
CA GLU A 271 -14.17 -0.64 -15.91
C GLU A 271 -13.62 0.74 -15.59
N ILE A 272 -12.42 0.78 -15.01
CA ILE A 272 -11.83 2.05 -14.63
C ILE A 272 -11.63 2.92 -15.86
N ASP A 273 -11.98 4.20 -15.73
CA ASP A 273 -11.93 5.11 -16.87
C ASP A 273 -10.54 5.16 -17.46
N HIS A 274 -10.47 5.15 -18.78
CA HIS A 274 -9.23 5.41 -19.50
C HIS A 274 -9.13 6.89 -19.78
N PHE A 275 -7.94 7.44 -19.61
CA PHE A 275 -7.70 8.87 -19.78
C PHE A 275 -6.49 9.09 -20.66
N ASP A 276 -6.53 10.17 -21.43
CA ASP A 276 -5.42 10.61 -22.25
C ASP A 276 -4.77 11.83 -21.61
N TRP A 277 -3.44 11.86 -21.60
CA TRP A 277 -2.75 13.01 -21.05
C TRP A 277 -3.09 14.28 -21.82
N GLU A 278 -3.49 14.14 -23.09
CA GLU A 278 -3.73 15.28 -23.97
C GLU A 278 -5.17 15.76 -23.94
N VAL A 279 -6.07 15.06 -23.27
CA VAL A 279 -7.47 15.45 -23.16
C VAL A 279 -7.70 15.94 -21.73
N PRO A 280 -8.58 16.90 -21.49
CA PRO A 280 -8.83 17.31 -20.11
C PRO A 280 -9.22 16.13 -19.24
N PHE A 281 -8.65 16.08 -18.04
CA PHE A 281 -8.92 14.98 -17.13
C PHE A 281 -10.36 15.08 -16.66
N GLU A 282 -11.18 14.11 -17.07
CA GLU A 282 -12.63 14.26 -16.92
C GLU A 282 -13.06 14.12 -15.45
N SER A 283 -12.21 13.50 -14.62
CA SER A 283 -12.56 13.26 -13.23
C SER A 283 -11.99 14.34 -12.33
N GLY A 284 -12.75 14.73 -11.33
CA GLY A 284 -12.30 15.68 -10.32
C GLY A 284 -12.30 15.04 -8.94
N TYR A 285 -11.43 15.55 -8.08
CA TYR A 285 -11.32 15.07 -6.71
C TYR A 285 -11.47 16.24 -5.75
N TYR A 286 -12.39 16.09 -4.79
CA TYR A 286 -12.62 17.10 -3.76
C TYR A 286 -12.33 16.44 -2.41
N PRO A 287 -11.09 16.49 -1.93
CA PRO A 287 -10.81 15.93 -0.61
C PRO A 287 -11.45 16.79 0.47
N SER A 288 -11.80 16.15 1.58
CA SER A 288 -12.35 16.83 2.73
C SER A 288 -11.37 16.89 3.90
N MET A 289 -10.14 16.44 3.70
CA MET A 289 -9.14 16.42 4.75
C MET A 289 -8.42 17.75 4.82
N CYS A 290 -7.72 17.97 5.95
CA CYS A 290 -6.99 19.20 6.18
C CYS A 290 -5.66 18.87 6.83
N TYR A 291 -4.66 19.70 6.55
CA TYR A 291 -3.35 19.52 7.15
C TYR A 291 -3.36 20.04 8.59
N PRO A 292 -2.49 19.50 9.44
CA PRO A 292 -2.48 19.95 10.85
C PRO A 292 -2.19 21.42 11.01
N ASN A 293 -1.56 22.06 10.03
CA ASN A 293 -1.31 23.50 10.07
C ASN A 293 -2.50 24.32 9.57
N GLY A 294 -3.68 23.73 9.51
CA GLY A 294 -4.86 24.45 9.09
C GLY A 294 -5.01 24.64 7.60
N LEU A 295 -4.21 23.96 6.78
CA LEU A 295 -4.26 24.09 5.34
C LEU A 295 -5.08 22.96 4.74
N TYR A 296 -6.06 23.31 3.92
CA TYR A 296 -6.95 22.33 3.31
C TYR A 296 -6.26 21.64 2.14
N PHE A 297 -6.63 20.38 1.92
CA PHE A 297 -6.01 19.59 0.87
C PHE A 297 -6.36 20.16 -0.51
N PRO A 298 -5.45 20.07 -1.48
CA PRO A 298 -5.75 20.55 -2.82
C PRO A 298 -6.94 19.84 -3.45
N THR A 299 -7.69 20.57 -4.26
CA THR A 299 -8.84 20.05 -4.99
C THR A 299 -8.53 20.06 -6.47
N ARG A 300 -8.85 18.95 -7.15
CA ARG A 300 -8.77 18.88 -8.60
C ARG A 300 -10.20 18.97 -9.14
N HIS A 301 -10.44 19.94 -10.00
CA HIS A 301 -11.78 20.18 -10.53
C HIS A 301 -12.03 19.30 -11.74
N ALA A 302 -13.31 19.16 -12.09
CA ALA A 302 -13.69 18.33 -13.22
C ALA A 302 -13.14 18.91 -14.51
N TYR A 303 -12.76 18.02 -15.43
CA TYR A 303 -12.25 18.40 -16.73
C TYR A 303 -11.07 19.36 -16.57
N ALA A 304 -10.08 18.94 -15.80
CA ALA A 304 -8.88 19.73 -15.59
C ALA A 304 -7.91 19.54 -16.73
N HIS A 305 -7.47 20.63 -17.33
CA HIS A 305 -6.46 20.58 -18.38
C HIS A 305 -5.11 20.31 -17.73
N LEU A 306 -4.38 19.33 -18.24
CA LEU A 306 -3.12 18.91 -17.64
C LEU A 306 -1.89 19.46 -18.36
N TYR A 307 -2.07 20.40 -19.29
CA TYR A 307 -0.93 20.91 -20.03
C TYR A 307 -0.13 21.90 -19.20
N GLU A 308 1.18 21.94 -19.43
CA GLU A 308 2.06 22.90 -18.76
C GLU A 308 1.38 24.24 -18.55
N TYR A 309 0.88 24.83 -19.64
CA TYR A 309 0.28 26.16 -19.57
C TYR A 309 -0.88 26.19 -18.57
N PHE A 310 -1.78 25.22 -18.67
CA PHE A 310 -3.02 25.28 -17.91
C PHE A 310 -2.80 24.95 -16.44
N TYR A 311 -2.00 23.93 -16.13
CA TYR A 311 -1.80 23.57 -14.74
C TYR A 311 -0.67 24.34 -14.08
N ASN A 312 0.00 25.25 -14.79
CA ASN A 312 0.88 26.22 -14.16
C ASN A 312 0.41 27.65 -14.35
N TYR A 313 -0.78 27.85 -14.91
CA TYR A 313 -1.29 29.19 -15.16
C TYR A 313 -1.29 30.00 -13.87
N GLY A 314 -0.81 31.23 -13.95
CA GLY A 314 -0.77 32.11 -12.79
C GLY A 314 0.10 31.59 -11.66
N GLN A 315 1.31 31.13 -11.99
CA GLN A 315 2.24 30.61 -11.00
C GLN A 315 3.64 31.08 -11.34
N HIS A 316 4.53 31.00 -10.34
CA HIS A 316 5.89 31.52 -10.47
C HIS A 316 6.82 30.51 -11.12
N TYR A 317 6.98 29.35 -10.48
CA TYR A 317 7.95 28.34 -10.90
C TYR A 317 9.25 28.99 -11.36
N GLY A 318 9.84 28.49 -12.45
CA GLY A 318 11.09 28.99 -12.98
C GLY A 318 12.28 28.09 -12.70
N PHE A 319 12.31 27.43 -11.54
CA PHE A 319 13.34 26.44 -11.24
C PHE A 319 12.73 25.24 -10.52
N ASN A 320 11.48 24.90 -10.85
CA ASN A 320 10.81 23.72 -10.34
C ASN A 320 10.67 22.72 -11.47
N LYS A 321 11.37 21.58 -11.37
CA LYS A 321 11.27 20.57 -12.42
C LYS A 321 9.88 19.98 -12.47
N TYR A 322 9.18 19.94 -11.35
CA TYR A 322 7.82 19.43 -11.33
C TYR A 322 6.84 20.34 -12.06
N ALA A 323 7.24 21.58 -12.34
CA ALA A 323 6.40 22.46 -13.14
C ALA A 323 6.22 21.91 -14.54
N HIS A 324 7.21 21.17 -15.04
CA HIS A 324 7.18 20.55 -16.35
C HIS A 324 6.89 19.06 -16.23
N SER A 325 6.02 18.71 -15.27
CA SER A 325 5.68 17.30 -15.07
C SER A 325 5.06 16.69 -16.32
N TYR A 326 4.38 17.49 -17.13
CA TYR A 326 3.73 16.93 -18.32
C TYR A 326 4.76 16.45 -19.33
N THR A 327 5.79 17.26 -19.59
CA THR A 327 6.81 16.86 -20.55
C THR A 327 7.60 15.65 -20.06
N HIS A 328 7.92 15.63 -18.76
CA HIS A 328 8.62 14.48 -18.20
C HIS A 328 7.75 13.23 -18.29
N ILE A 329 6.45 13.37 -18.02
CA ILE A 329 5.54 12.23 -18.11
C ILE A 329 5.52 11.69 -19.54
N SER A 330 5.39 12.58 -20.52
CA SER A 330 5.37 12.15 -21.91
C SER A 330 6.68 11.46 -22.28
N ASP A 331 7.81 12.03 -21.85
CA ASP A 331 9.10 11.43 -22.17
C ASP A 331 9.19 10.03 -21.59
N TYR A 332 8.89 9.88 -20.31
CA TYR A 332 9.04 8.57 -19.67
C TYR A 332 8.05 7.56 -20.22
N GLU A 333 6.84 7.99 -20.55
CA GLU A 333 5.89 7.09 -21.19
C GLU A 333 6.42 6.62 -22.55
N ARG A 334 7.00 7.54 -23.32
CA ARG A 334 7.58 7.17 -24.61
C ARG A 334 8.72 6.17 -24.43
N ARG A 335 9.61 6.42 -23.47
CA ARG A 335 10.72 5.52 -23.23
C ARG A 335 10.24 4.14 -22.80
N ILE A 336 9.23 4.09 -21.93
CA ILE A 336 8.69 2.80 -21.48
C ILE A 336 8.05 2.06 -22.66
N HIS A 337 7.29 2.76 -23.48
CA HIS A 337 6.73 2.14 -24.68
C HIS A 337 7.84 1.55 -25.54
N ASP A 338 8.90 2.33 -25.77
CA ASP A 338 9.98 1.87 -26.64
C ASP A 338 10.67 0.64 -26.07
N VAL A 339 10.94 0.64 -24.77
CA VAL A 339 11.64 -0.50 -24.17
C VAL A 339 10.76 -1.73 -24.15
N ILE A 340 9.45 -1.56 -23.96
CA ILE A 340 8.55 -2.72 -23.97
C ILE A 340 8.42 -3.29 -25.38
N ASP A 341 8.31 -2.42 -26.39
CA ASP A 341 8.23 -2.89 -27.76
C ASP A 341 9.52 -3.60 -28.17
N SER A 342 10.66 -2.94 -27.98
CA SER A 342 11.92 -3.55 -28.33
C SER A 342 12.22 -4.76 -27.47
N GLY A 343 11.88 -4.70 -26.19
CA GLY A 343 12.37 -5.69 -25.26
C GLY A 343 13.84 -5.51 -24.94
N TYR A 344 14.40 -4.35 -25.25
CA TYR A 344 15.81 -4.09 -25.09
C TYR A 344 15.95 -2.78 -24.33
N VAL A 345 16.77 -2.78 -23.28
CA VAL A 345 16.83 -1.66 -22.35
C VAL A 345 18.13 -0.91 -22.53
N HIS A 346 18.07 0.41 -22.30
CA HIS A 346 19.25 1.26 -22.31
C HIS A 346 19.82 1.33 -20.90
N THR A 347 21.14 1.17 -20.78
CA THR A 347 21.84 1.26 -19.52
C THR A 347 22.88 2.37 -19.60
N HIS A 348 23.48 2.70 -18.45
CA HIS A 348 24.51 3.73 -18.43
C HIS A 348 25.62 3.42 -19.41
N SER A 349 25.90 2.13 -19.64
CA SER A 349 26.83 1.72 -20.68
C SER A 349 26.26 1.94 -22.08
N GLY A 350 24.98 2.27 -22.20
CA GLY A 350 24.37 2.43 -23.50
C GLY A 350 24.33 1.17 -24.32
N GLN A 351 24.47 0.01 -23.70
CA GLN A 351 24.53 -1.27 -24.38
C GLN A 351 23.14 -1.90 -24.44
N LYS A 352 23.07 -3.09 -25.02
CA LYS A 352 21.82 -3.81 -25.22
C LYS A 352 21.65 -4.85 -24.11
N VAL A 353 20.60 -4.68 -23.30
CA VAL A 353 20.31 -5.58 -22.20
C VAL A 353 19.03 -6.33 -22.51
N ASP A 354 19.12 -7.65 -22.55
CA ASP A 354 17.99 -8.50 -22.89
C ASP A 354 16.90 -8.35 -21.84
N LEU A 355 15.68 -8.06 -22.29
CA LEU A 355 14.51 -8.02 -21.41
C LEU A 355 13.70 -9.31 -21.48
N PHE A 356 14.14 -10.30 -22.25
CA PHE A 356 13.44 -11.57 -22.40
C PHE A 356 13.91 -12.61 -21.40
N SER A 357 14.84 -12.26 -20.51
CA SER A 357 15.32 -13.19 -19.52
C SER A 357 14.17 -13.68 -18.65
N HIS A 358 14.46 -14.71 -17.84
CA HIS A 358 13.47 -15.19 -16.89
C HIS A 358 12.97 -14.05 -16.01
N GLU A 359 13.88 -13.25 -15.50
CA GLU A 359 13.53 -12.07 -14.70
C GLU A 359 13.43 -10.83 -15.58
N GLY A 360 12.67 -10.91 -16.67
CA GLY A 360 12.41 -9.73 -17.48
C GLY A 360 11.28 -8.89 -16.94
N LEU A 361 10.27 -9.52 -16.34
CA LEU A 361 9.22 -8.78 -15.67
C LEU A 361 9.77 -7.98 -14.51
N ASP A 362 10.72 -8.56 -13.77
CA ASP A 362 11.36 -7.82 -12.68
C ASP A 362 12.10 -6.61 -13.20
N ILE A 363 12.85 -6.76 -14.30
CA ILE A 363 13.58 -5.63 -14.86
C ILE A 363 12.60 -4.55 -15.31
N LEU A 364 11.49 -4.96 -15.94
CA LEU A 364 10.49 -3.99 -16.36
C LEU A 364 9.88 -3.26 -15.17
N GLY A 365 9.60 -3.99 -14.09
CA GLY A 365 9.05 -3.35 -12.91
C GLY A 365 9.99 -2.36 -12.28
N ASN A 366 11.27 -2.72 -12.17
CA ASN A 366 12.27 -1.79 -11.67
C ASN A 366 12.39 -0.57 -12.59
N LEU A 367 12.33 -0.79 -13.89
CA LEU A 367 12.45 0.30 -14.85
C LEU A 367 11.30 1.28 -14.73
N ILE A 368 10.07 0.77 -14.67
CA ILE A 368 8.90 1.62 -14.62
C ILE A 368 8.79 2.31 -13.27
N GLU A 369 8.99 1.56 -12.18
CA GLU A 369 8.85 2.15 -10.85
C GLU A 369 9.82 3.30 -10.65
N GLY A 370 11.06 3.12 -11.08
CA GLY A 370 12.09 4.13 -10.89
C GLY A 370 12.95 3.93 -9.67
N ASN A 371 12.94 2.74 -9.07
CA ASN A 371 13.78 2.48 -7.91
C ASN A 371 15.25 2.43 -8.33
N PRO A 372 16.17 2.60 -7.37
CA PRO A 372 17.59 2.59 -7.72
C PRO A 372 18.04 1.37 -8.51
N GLU A 373 17.23 0.32 -8.55
CA GLU A 373 17.52 -0.85 -9.37
C GLU A 373 17.11 -0.65 -10.83
N SER A 374 16.62 0.53 -11.19
CA SER A 374 16.20 0.77 -12.56
C SER A 374 17.41 0.65 -13.49
N PRO A 375 17.23 0.10 -14.70
CA PRO A 375 18.39 -0.08 -15.59
C PRO A 375 19.13 1.22 -15.87
N TYR A 376 18.41 2.33 -16.04
CA TYR A 376 19.05 3.63 -16.17
C TYR A 376 18.05 4.66 -15.65
N TYR A 377 18.20 5.06 -14.39
CA TYR A 377 17.22 5.94 -13.78
C TYR A 377 17.19 7.30 -14.47
N HIS A 378 18.34 7.77 -14.95
CA HIS A 378 18.38 9.07 -15.62
C HIS A 378 17.51 9.09 -16.87
N TYR A 379 17.37 7.94 -17.55
CA TYR A 379 16.68 7.89 -18.83
C TYR A 379 15.20 7.55 -18.67
N TYR A 380 14.86 6.60 -17.79
CA TYR A 380 13.48 6.18 -17.62
C TYR A 380 12.80 6.93 -16.47
N GLY A 381 13.55 7.28 -15.44
CA GLY A 381 13.06 8.19 -14.42
C GLY A 381 11.90 7.63 -13.60
N ALA A 382 11.36 8.50 -12.76
CA ALA A 382 10.24 8.16 -11.89
C ALA A 382 8.96 8.64 -12.55
N TYR A 383 8.41 7.79 -13.43
CA TYR A 383 7.17 8.13 -14.10
C TYR A 383 6.04 8.35 -13.11
N GLN A 384 5.95 7.51 -12.08
CA GLN A 384 4.87 7.63 -11.10
C GLN A 384 4.96 8.94 -10.33
N VAL A 385 6.17 9.39 -10.03
CA VAL A 385 6.33 10.62 -9.24
C VAL A 385 5.75 11.81 -9.99
N PHE A 386 6.16 11.97 -11.25
CA PHE A 386 5.66 13.10 -12.04
C PHE A 386 4.19 12.93 -12.39
N ALA A 387 3.74 11.70 -12.60
CA ALA A 387 2.32 11.48 -12.86
C ALA A 387 1.48 11.89 -11.66
N ARG A 388 1.94 11.56 -10.45
CA ARG A 388 1.22 11.98 -9.25
C ARG A 388 1.25 13.48 -9.08
N HIS A 389 2.39 14.11 -9.36
CA HIS A 389 2.46 15.57 -9.28
C HIS A 389 1.49 16.22 -10.24
N LEU A 390 1.43 15.73 -11.48
CA LEU A 390 0.56 16.35 -12.49
C LEU A 390 -0.91 16.10 -12.17
N LEU A 391 -1.27 14.86 -11.85
CA LEU A 391 -2.67 14.55 -11.61
C LEU A 391 -3.16 15.12 -10.28
N GLY A 392 -2.26 15.32 -9.32
CA GLY A 392 -2.66 15.99 -8.09
C GLY A 392 -3.21 17.37 -8.35
N TYR A 393 -2.61 18.08 -9.31
CA TYR A 393 -3.13 19.35 -9.80
C TYR A 393 -3.26 20.36 -8.67
N SER A 394 -2.12 20.67 -8.05
CA SER A 394 -2.03 21.66 -6.99
C SER A 394 -0.99 22.70 -7.36
N HIS A 395 -1.03 23.83 -6.66
CA HIS A 395 -0.06 24.89 -6.91
C HIS A 395 1.35 24.37 -6.66
N GLN A 396 2.26 24.68 -7.57
CA GLN A 396 3.65 24.32 -7.36
C GLN A 396 4.21 25.09 -6.17
N PRO A 397 5.02 24.47 -5.32
CA PRO A 397 5.50 25.16 -4.12
C PRO A 397 6.30 26.40 -4.48
N LEU A 398 5.99 27.50 -3.79
CA LEU A 398 6.80 28.70 -3.94
C LEU A 398 8.22 28.45 -3.45
N THR A 399 8.36 27.60 -2.44
CA THR A 399 9.66 27.30 -1.87
C THR A 399 9.61 25.88 -1.32
N PHE A 400 10.79 25.32 -1.07
CA PHE A 400 10.89 24.02 -0.42
C PHE A 400 10.08 23.97 0.86
N HIS A 401 10.15 25.02 1.68
CA HIS A 401 9.53 25.01 2.99
C HIS A 401 8.06 25.41 2.97
N LYS A 402 7.51 25.76 1.81
CA LYS A 402 6.11 26.15 1.68
C LYS A 402 5.52 25.29 0.55
N LEU A 403 5.05 24.10 0.91
CA LEU A 403 4.58 23.12 -0.06
C LEU A 403 3.13 22.76 0.26
N HIS A 404 2.36 22.53 -0.81
CA HIS A 404 0.93 22.26 -0.71
C HIS A 404 0.61 21.02 -1.53
N PRO A 405 0.99 19.84 -1.05
CA PRO A 405 0.80 18.62 -1.82
C PRO A 405 -0.63 18.12 -1.79
N SER A 406 -0.94 17.27 -2.78
CA SER A 406 -2.28 16.72 -2.94
C SER A 406 -2.37 15.34 -2.30
N ALA A 407 -3.53 14.70 -2.45
CA ALA A 407 -3.70 13.35 -1.94
C ALA A 407 -2.79 12.37 -2.66
N LEU A 408 -2.65 12.52 -3.99
CA LEU A 408 -1.82 11.61 -4.75
C LEU A 408 -0.35 11.71 -4.38
N GLU A 409 0.06 12.77 -3.69
CA GLU A 409 1.45 12.96 -3.32
C GLU A 409 1.79 12.40 -1.94
N HIS A 410 0.86 11.69 -1.31
CA HIS A 410 1.12 10.96 -0.08
C HIS A 410 0.73 9.50 -0.28
N PHE A 411 1.44 8.61 0.43
CA PHE A 411 1.08 7.19 0.37
C PHE A 411 -0.17 6.90 1.18
N GLU A 412 -0.42 7.68 2.23
CA GLU A 412 -1.54 7.42 3.12
C GLU A 412 -2.88 7.80 2.51
N THR A 413 -2.90 8.65 1.48
CA THR A 413 -4.13 9.14 0.89
C THR A 413 -4.19 8.93 -0.61
N SER A 414 -3.29 8.13 -1.17
CA SER A 414 -3.28 7.92 -2.62
C SER A 414 -4.56 7.24 -3.08
N MET A 415 -4.96 6.18 -2.39
CA MET A 415 -6.12 5.40 -2.81
C MET A 415 -7.43 6.16 -2.72
N ARG A 416 -7.45 7.31 -2.05
CA ARG A 416 -8.69 8.09 -1.96
C ARG A 416 -9.03 8.76 -3.28
N ASP A 417 -8.03 9.00 -4.12
CA ASP A 417 -8.21 9.70 -5.39
C ASP A 417 -8.53 8.70 -6.50
N PRO A 418 -9.60 8.90 -7.26
CA PRO A 418 -9.81 8.04 -8.45
C PRO A 418 -8.68 8.13 -9.45
N ALA A 419 -8.05 9.30 -9.56
CA ALA A 419 -6.92 9.45 -10.46
C ALA A 419 -5.79 8.48 -10.09
N PHE A 420 -5.72 8.05 -8.83
CA PHE A 420 -4.74 7.04 -8.45
C PHE A 420 -4.97 5.76 -9.24
N TYR A 421 -6.20 5.26 -9.24
CA TYR A 421 -6.52 4.03 -9.94
C TYR A 421 -6.38 4.19 -11.44
N GLN A 422 -6.81 5.35 -11.97
CA GLN A 422 -6.67 5.57 -13.42
C GLN A 422 -5.19 5.62 -13.83
N LEU A 423 -4.37 6.32 -13.05
CA LEU A 423 -2.94 6.41 -13.32
C LEU A 423 -2.30 5.03 -13.31
N TYR A 424 -2.61 4.22 -12.31
CA TYR A 424 -1.93 2.94 -12.21
C TYR A 424 -2.51 1.91 -13.18
N LYS A 425 -3.76 2.06 -13.62
CA LYS A 425 -4.21 1.26 -14.75
C LYS A 425 -3.47 1.64 -16.03
N LYS A 426 -3.22 2.94 -16.23
CA LYS A 426 -2.42 3.36 -17.37
C LYS A 426 -1.03 2.76 -17.32
N LEU A 427 -0.44 2.69 -16.12
CA LEU A 427 0.85 2.03 -15.95
C LEU A 427 0.77 0.54 -16.27
N LEU A 428 -0.17 -0.18 -15.65
CA LEU A 428 -0.24 -1.62 -15.82
C LEU A 428 -0.59 -2.02 -17.26
N GLY A 429 -1.19 -1.12 -18.03
CA GLY A 429 -1.33 -1.38 -19.45
C GLY A 429 0.01 -1.65 -20.12
N PHE A 430 1.07 -1.00 -19.63
CA PHE A 430 2.40 -1.23 -20.19
C PHE A 430 2.84 -2.67 -19.94
N PHE A 431 2.66 -3.15 -18.72
CA PHE A 431 3.02 -4.54 -18.40
C PHE A 431 2.17 -5.51 -19.20
N PHE A 432 0.88 -5.22 -19.37
CA PHE A 432 0.04 -6.06 -20.20
C PHE A 432 0.57 -6.12 -21.62
N ARG A 433 1.00 -4.98 -22.16
CA ARG A 433 1.57 -4.97 -23.51
C ARG A 433 2.83 -5.82 -23.56
N TYR A 434 3.72 -5.66 -22.57
CA TYR A 434 4.94 -6.46 -22.54
C TYR A 434 4.63 -7.94 -22.57
N LYS A 435 3.73 -8.38 -21.69
CA LYS A 435 3.38 -9.80 -21.62
C LYS A 435 2.72 -10.27 -22.91
N SER A 436 1.82 -9.48 -23.46
CA SER A 436 1.13 -9.89 -24.68
C SER A 436 2.11 -10.06 -25.83
N GLN A 437 3.06 -9.14 -25.97
CA GLN A 437 3.99 -9.23 -27.09
C GLN A 437 5.07 -10.28 -26.88
N HIS A 438 5.52 -10.51 -25.65
CA HIS A 438 6.73 -11.30 -25.44
C HIS A 438 6.53 -12.59 -24.65
N TYR A 439 5.34 -12.89 -24.16
CA TYR A 439 5.08 -14.11 -23.40
C TYR A 439 4.17 -15.03 -24.19
N HIS A 440 4.50 -16.31 -24.21
CA HIS A 440 3.72 -17.32 -24.92
C HIS A 440 2.60 -17.83 -24.03
N TYR A 441 1.39 -17.87 -24.57
CA TYR A 441 0.23 -18.28 -23.81
C TYR A 441 0.39 -19.71 -23.32
N TYR A 442 -0.03 -19.95 -22.07
CA TYR A 442 0.11 -21.26 -21.47
C TYR A 442 -0.72 -22.29 -22.22
N ASP A 443 -0.19 -23.49 -22.33
CA ASP A 443 -0.86 -24.60 -22.99
C ASP A 443 -1.45 -25.53 -21.93
N GLU A 444 -1.99 -26.67 -22.36
CA GLU A 444 -2.57 -27.61 -21.42
C GLU A 444 -1.49 -28.26 -20.56
N HIS A 445 -0.32 -28.52 -21.14
CA HIS A 445 0.72 -29.23 -20.40
C HIS A 445 1.36 -28.33 -19.35
N ASP A 446 1.56 -27.05 -19.66
CA ASP A 446 2.21 -26.15 -18.70
C ASP A 446 1.40 -26.06 -17.41
N LEU A 447 0.09 -25.92 -17.52
CA LEU A 447 -0.78 -25.83 -16.36
C LEU A 447 -1.18 -27.19 -15.82
N ALA A 448 -0.90 -28.27 -16.54
CA ALA A 448 -1.35 -29.59 -16.13
C ALA A 448 -0.67 -30.01 -14.83
N TYR A 449 -1.43 -30.71 -13.99
CA TYR A 449 -0.92 -31.35 -12.77
C TYR A 449 -1.43 -32.78 -12.83
N HIS A 450 -0.69 -33.65 -13.50
CA HIS A 450 -1.17 -35.00 -13.77
C HIS A 450 -1.40 -35.77 -12.49
N GLY A 451 -2.55 -36.44 -12.41
CA GLY A 451 -2.92 -37.23 -11.27
C GLY A 451 -3.78 -36.49 -10.25
N VAL A 452 -4.04 -35.21 -10.47
CA VAL A 452 -4.80 -34.39 -9.54
C VAL A 452 -6.09 -33.93 -10.23
N HIS A 453 -7.20 -33.98 -9.50
CA HIS A 453 -8.50 -33.62 -10.05
C HIS A 453 -9.31 -32.93 -8.97
N VAL A 454 -9.70 -31.68 -9.22
CA VAL A 454 -10.55 -30.93 -8.30
C VAL A 454 -12.00 -31.30 -8.59
N LYS A 455 -12.59 -32.16 -7.75
CA LYS A 455 -13.91 -32.70 -8.04
C LYS A 455 -14.97 -31.61 -8.00
N HIS A 456 -15.13 -30.96 -6.86
CA HIS A 456 -16.08 -29.85 -6.73
C HIS A 456 -15.67 -29.00 -5.54
N VAL A 457 -16.17 -27.77 -5.52
CA VAL A 457 -15.84 -26.79 -4.51
C VAL A 457 -17.12 -26.32 -3.85
N GLU A 458 -17.15 -26.33 -2.52
CA GLU A 458 -18.29 -25.86 -1.74
C GLU A 458 -17.84 -24.66 -0.92
N VAL A 459 -18.53 -23.53 -1.10
CA VAL A 459 -18.24 -22.30 -0.39
C VAL A 459 -19.50 -21.90 0.36
N ASP A 460 -19.37 -21.60 1.66
CA ASP A 460 -20.52 -21.21 2.45
C ASP A 460 -21.08 -19.89 1.94
N PRO A 461 -22.37 -19.62 2.18
CA PRO A 461 -22.94 -18.35 1.73
C PRO A 461 -22.09 -17.16 2.13
N LEU A 462 -21.63 -16.40 1.15
CA LEU A 462 -20.79 -15.23 1.39
C LEU A 462 -21.69 -14.03 1.61
N VAL A 463 -21.66 -13.47 2.82
CA VAL A 463 -22.51 -12.36 3.20
C VAL A 463 -21.63 -11.21 3.68
N THR A 464 -21.90 -10.01 3.18
CA THR A 464 -21.18 -8.81 3.56
C THR A 464 -22.15 -7.78 4.13
N TYR A 465 -21.76 -7.17 5.24
CA TYR A 465 -22.60 -6.19 5.90
C TYR A 465 -21.70 -5.09 6.47
N PHE A 466 -22.33 -4.04 6.98
CA PHE A 466 -21.62 -2.91 7.56
C PHE A 466 -21.72 -2.94 9.08
N ASP A 467 -20.63 -2.55 9.74
CA ASP A 467 -20.57 -2.46 11.18
C ASP A 467 -19.70 -1.27 11.55
N TYR A 468 -19.85 -0.78 12.77
CA TYR A 468 -19.08 0.36 13.23
C TYR A 468 -17.70 -0.07 13.70
N PHE A 469 -16.69 0.70 13.30
CA PHE A 469 -15.31 0.48 13.72
C PHE A 469 -14.85 1.67 14.55
N TYR A 470 -14.31 1.40 15.73
CA TYR A 470 -13.90 2.44 16.66
C TYR A 470 -12.38 2.56 16.66
N ALA A 471 -11.89 3.77 16.40
CA ALA A 471 -10.46 4.05 16.38
C ALA A 471 -10.15 5.22 17.30
N ASP A 472 -8.99 5.16 17.94
CA ASP A 472 -8.57 6.17 18.89
C ASP A 472 -8.15 7.42 18.11
N LEU A 473 -9.01 8.44 18.12
CA LEU A 473 -8.79 9.66 17.38
C LEU A 473 -8.10 10.74 18.22
N SER A 474 -7.69 10.41 19.44
CA SER A 474 -7.20 11.41 20.37
C SER A 474 -5.93 12.09 19.90
N ASN A 475 -5.25 11.55 18.90
CA ASN A 475 -3.98 12.11 18.45
C ASN A 475 -4.16 13.33 17.56
N ALA A 476 -5.39 13.75 17.29
CA ALA A 476 -5.67 14.89 16.44
C ALA A 476 -5.90 16.18 17.21
N VAL A 477 -5.76 16.16 18.54
CA VAL A 477 -5.96 17.33 19.37
C VAL A 477 -4.64 17.66 20.07
N TYR A 478 -4.59 18.86 20.64
CA TYR A 478 -3.40 19.36 21.32
C TYR A 478 -3.60 19.23 22.82
N VAL A 479 -2.79 18.39 23.46
CA VAL A 479 -2.93 18.09 24.87
C VAL A 479 -1.90 18.89 25.67
N THR A 480 -2.27 19.19 26.91
CA THR A 480 -1.33 19.81 27.84
C THR A 480 -0.37 18.76 28.37
N PRO A 481 0.77 19.20 28.96
CA PRO A 481 1.76 18.22 29.43
C PRO A 481 1.19 17.19 30.39
N GLU A 482 0.34 17.59 31.32
CA GLU A 482 -0.27 16.61 32.22
C GLU A 482 -1.19 15.67 31.46
N GLU A 483 -1.99 16.21 30.54
CA GLU A 483 -2.85 15.39 29.72
C GLU A 483 -2.03 14.46 28.84
N PHE A 484 -0.93 14.96 28.29
CA PHE A 484 -0.02 14.12 27.50
C PHE A 484 0.50 12.96 28.33
N VAL A 485 0.96 13.25 29.55
CA VAL A 485 1.58 12.21 30.38
C VAL A 485 0.54 11.18 30.80
N HIS A 486 -0.68 11.62 31.10
CA HIS A 486 -1.71 10.75 31.62
C HIS A 486 -2.73 10.32 30.57
N ASP A 487 -2.69 10.90 29.37
CA ASP A 487 -3.65 10.57 28.33
C ASP A 487 -5.08 10.73 28.84
N SER A 488 -5.32 11.83 29.55
CA SER A 488 -6.63 12.04 30.17
C SER A 488 -7.73 12.19 29.13
N PHE A 489 -7.46 12.90 28.04
CA PHE A 489 -8.46 13.13 27.02
C PHE A 489 -8.57 11.92 26.09
N LYS A 490 -9.80 11.49 25.83
CA LYS A 490 -10.07 10.38 24.93
C LYS A 490 -11.22 10.77 24.01
N VAL A 491 -11.03 10.58 22.71
CA VAL A 491 -12.06 10.87 21.71
C VAL A 491 -11.96 9.83 20.62
N HIS A 492 -13.03 9.08 20.40
CA HIS A 492 -13.08 8.01 19.42
C HIS A 492 -13.81 8.47 18.18
N VAL A 493 -13.59 7.75 17.08
CA VAL A 493 -14.31 7.97 15.83
C VAL A 493 -14.91 6.64 15.39
N ALA A 494 -16.21 6.65 15.11
CA ALA A 494 -16.93 5.46 14.68
C ALA A 494 -17.24 5.58 13.19
N GLN A 495 -16.95 4.52 12.45
CA GLN A 495 -17.12 4.52 11.00
C GLN A 495 -17.71 3.20 10.54
N GLU A 496 -18.66 3.27 9.63
CA GLU A 496 -19.28 2.08 9.07
C GLU A 496 -18.32 1.43 8.09
N ARG A 497 -17.75 0.29 8.48
CA ARG A 497 -16.79 -0.43 7.67
C ARG A 497 -17.37 -1.77 7.24
N LEU A 498 -17.20 -2.09 5.96
CA LEU A 498 -17.73 -3.33 5.43
C LEU A 498 -17.13 -4.53 6.16
N ASN A 499 -17.99 -5.46 6.55
CA ASN A 499 -17.57 -6.70 7.20
C ASN A 499 -18.36 -7.84 6.60
N HIS A 500 -17.83 -9.05 6.74
CA HIS A 500 -18.47 -10.24 6.19
C HIS A 500 -18.65 -11.28 7.28
N LYS A 501 -19.76 -12.01 7.19
CA LYS A 501 -20.00 -13.12 8.09
C LYS A 501 -18.96 -14.21 7.84
N PRO A 502 -18.38 -14.79 8.90
CA PRO A 502 -17.34 -15.80 8.69
C PRO A 502 -17.85 -16.97 7.85
N PHE A 503 -16.99 -17.46 6.96
CA PHE A 503 -17.34 -18.53 6.04
C PHE A 503 -16.19 -19.53 5.99
N THR A 504 -16.51 -20.75 5.55
CA THR A 504 -15.52 -21.81 5.42
C THR A 504 -15.80 -22.57 4.14
N TYR A 505 -14.83 -22.57 3.23
CA TYR A 505 -14.96 -23.22 1.93
C TYR A 505 -14.19 -24.53 1.93
N LYS A 506 -14.72 -25.52 1.22
CA LYS A 506 -14.12 -26.84 1.13
C LYS A 506 -13.63 -27.09 -0.28
N ILE A 507 -12.46 -27.73 -0.40
CA ILE A 507 -11.88 -28.09 -1.69
C ILE A 507 -11.64 -29.59 -1.68
N TYR A 508 -12.27 -30.30 -2.61
CA TYR A 508 -12.15 -31.74 -2.73
C TYR A 508 -11.20 -32.07 -3.88
N ILE A 509 -10.17 -32.86 -3.59
CA ILE A 509 -9.15 -33.22 -4.56
C ILE A 509 -8.99 -34.73 -4.56
N ASP A 510 -8.88 -35.31 -5.75
CA ASP A 510 -8.73 -36.75 -5.93
C ASP A 510 -7.35 -37.00 -6.55
N SER A 511 -6.35 -37.23 -5.70
CA SER A 511 -4.98 -37.40 -6.16
C SER A 511 -4.68 -38.87 -6.42
N ASP A 512 -3.54 -39.12 -7.07
CA ASP A 512 -3.09 -40.47 -7.37
C ASP A 512 -1.99 -40.97 -6.44
N LYS A 513 -1.23 -40.08 -5.81
CA LYS A 513 -0.23 -40.48 -4.84
C LYS A 513 -0.04 -39.34 -3.85
N ASP A 514 0.71 -39.63 -2.78
CA ASP A 514 0.94 -38.66 -1.71
C ASP A 514 1.92 -37.61 -2.23
N THR A 515 1.37 -36.62 -2.93
CA THR A 515 2.15 -35.51 -3.45
C THR A 515 2.02 -34.29 -2.55
N GLU A 516 2.90 -33.32 -2.77
CA GLU A 516 2.91 -32.06 -2.04
C GLU A 516 2.57 -30.95 -3.02
N ALA A 517 1.34 -30.44 -2.93
CA ALA A 517 0.80 -29.52 -3.92
C ALA A 517 0.69 -28.11 -3.34
N VAL A 518 0.49 -27.16 -4.24
CA VAL A 518 0.26 -25.76 -3.90
C VAL A 518 -1.13 -25.38 -4.40
N VAL A 519 -1.97 -24.89 -3.51
CA VAL A 519 -3.34 -24.53 -3.83
C VAL A 519 -3.43 -23.02 -3.97
N LYS A 520 -3.99 -22.56 -5.10
CA LYS A 520 -4.14 -21.14 -5.38
C LYS A 520 -5.59 -20.86 -5.74
N VAL A 521 -6.26 -20.08 -4.90
CA VAL A 521 -7.66 -19.74 -5.08
C VAL A 521 -7.74 -18.28 -5.51
N PHE A 522 -8.50 -18.02 -6.58
CA PHE A 522 -8.67 -16.68 -7.10
C PHE A 522 -10.13 -16.27 -7.01
N LEU A 523 -10.36 -14.97 -6.86
CA LEU A 523 -11.69 -14.39 -6.87
C LEU A 523 -11.75 -13.36 -7.98
N GLY A 524 -12.71 -13.53 -8.89
CA GLY A 524 -12.86 -12.62 -10.00
C GLY A 524 -14.30 -12.50 -10.41
N PRO A 525 -14.59 -11.56 -11.32
CA PRO A 525 -15.97 -11.36 -11.77
C PRO A 525 -16.36 -12.33 -12.86
N LYS A 526 -17.66 -12.66 -12.89
CA LYS A 526 -18.24 -13.44 -13.97
C LYS A 526 -19.08 -12.59 -14.92
N TYR A 527 -19.82 -11.62 -14.38
CA TYR A 527 -20.67 -10.75 -15.16
C TYR A 527 -20.29 -9.30 -14.89
N ASP A 528 -20.25 -8.49 -15.93
CA ASP A 528 -19.91 -7.09 -15.80
C ASP A 528 -21.13 -6.33 -15.28
N GLU A 529 -21.03 -5.00 -15.21
CA GLU A 529 -22.13 -4.19 -14.69
C GLU A 529 -23.38 -4.27 -15.55
N TYR A 530 -23.26 -4.71 -16.80
CA TYR A 530 -24.38 -4.81 -17.71
C TYR A 530 -24.91 -6.23 -17.84
N GLY A 531 -24.43 -7.16 -17.02
CA GLY A 531 -24.92 -8.52 -17.05
C GLY A 531 -24.31 -9.40 -18.12
N ARG A 532 -23.32 -8.91 -18.86
CA ARG A 532 -22.70 -9.69 -19.92
C ARG A 532 -21.63 -10.60 -19.36
N TYR A 533 -21.53 -11.79 -19.92
CA TYR A 533 -20.53 -12.76 -19.47
C TYR A 533 -19.15 -12.36 -19.97
N ILE A 534 -18.18 -12.34 -19.06
CA ILE A 534 -16.82 -11.94 -19.37
C ILE A 534 -16.01 -13.20 -19.68
N ASN A 535 -15.45 -13.28 -20.88
CA ASN A 535 -14.59 -14.39 -21.24
C ASN A 535 -13.23 -14.25 -20.57
N LEU A 536 -12.62 -15.40 -20.26
CA LEU A 536 -11.33 -15.39 -19.57
C LEU A 536 -10.29 -14.59 -20.34
N THR A 537 -10.39 -14.56 -21.67
CA THR A 537 -9.43 -13.81 -22.46
C THR A 537 -9.43 -12.33 -22.08
N GLU A 538 -10.60 -11.80 -21.73
CA GLU A 538 -10.74 -10.42 -21.27
C GLU A 538 -11.03 -10.34 -19.78
N ASN A 539 -10.72 -11.40 -19.02
CA ASN A 539 -11.04 -11.47 -17.61
C ASN A 539 -9.89 -11.97 -16.75
N TRP A 540 -8.78 -12.41 -17.34
CA TRP A 540 -7.69 -12.96 -16.54
C TRP A 540 -7.09 -11.92 -15.61
N MET A 541 -7.16 -10.64 -15.98
CA MET A 541 -6.54 -9.59 -15.17
C MET A 541 -7.38 -9.19 -13.97
N ASN A 542 -8.64 -9.61 -13.92
CA ASN A 542 -9.56 -9.18 -12.88
C ASN A 542 -9.64 -10.16 -11.72
N PHE A 543 -8.74 -11.14 -11.65
CA PHE A 543 -8.83 -12.19 -10.64
C PHE A 543 -7.98 -11.81 -9.45
N VAL A 544 -8.58 -11.91 -8.26
CA VAL A 544 -7.96 -11.48 -7.01
C VAL A 544 -7.55 -12.74 -6.26
N GLN A 545 -6.27 -12.82 -5.87
CA GLN A 545 -5.80 -13.94 -5.08
C GLN A 545 -6.54 -14.00 -3.75
N PHE A 546 -7.38 -15.02 -3.57
CA PHE A 546 -8.18 -15.16 -2.36
C PHE A 546 -7.41 -15.90 -1.27
N ASP A 547 -6.80 -17.02 -1.64
CA ASP A 547 -5.92 -17.76 -0.74
C ASP A 547 -4.84 -18.44 -1.56
N HIS A 548 -3.68 -18.65 -0.94
CA HIS A 548 -2.56 -19.30 -1.62
C HIS A 548 -1.77 -20.04 -0.55
N PHE A 549 -2.06 -21.33 -0.38
CA PHE A 549 -1.46 -22.15 0.66
C PHE A 549 -0.88 -23.42 0.05
N VAL A 550 -0.24 -24.22 0.89
CA VAL A 550 0.34 -25.49 0.49
C VAL A 550 -0.32 -26.59 1.31
N TYR A 551 -0.77 -27.64 0.63
CA TYR A 551 -1.38 -28.79 1.27
C TYR A 551 -0.65 -30.06 0.83
N LYS A 552 -0.44 -30.96 1.78
CA LYS A 552 0.18 -32.25 1.51
C LYS A 552 -0.91 -33.24 1.14
N LEU A 553 -1.06 -33.48 -0.16
CA LEU A 553 -2.10 -34.38 -0.63
C LEU A 553 -1.76 -35.82 -0.28
N LYS A 554 -2.78 -36.68 -0.36
CA LYS A 554 -2.63 -38.11 -0.15
C LYS A 554 -3.30 -38.86 -1.31
N SER A 555 -2.86 -40.09 -1.52
CA SER A 555 -3.43 -40.91 -2.59
C SER A 555 -4.93 -41.07 -2.36
N GLY A 556 -5.71 -40.86 -3.42
CA GLY A 556 -7.15 -40.98 -3.36
C GLY A 556 -7.83 -39.66 -3.12
N GLU A 557 -8.90 -39.72 -2.34
CA GLU A 557 -9.73 -38.56 -2.10
C GLU A 557 -9.21 -37.73 -0.93
N ASN A 558 -9.19 -36.42 -1.12
CA ASN A 558 -8.82 -35.47 -0.07
C ASN A 558 -9.90 -34.41 0.06
N VAL A 559 -10.01 -33.86 1.27
CA VAL A 559 -10.87 -32.72 1.54
C VAL A 559 -10.03 -31.66 2.23
N ILE A 560 -10.10 -30.42 1.73
CA ILE A 560 -9.35 -29.30 2.28
C ILE A 560 -10.36 -28.32 2.86
N SER A 561 -10.25 -28.05 4.16
CA SER A 561 -11.12 -27.13 4.86
C SER A 561 -10.30 -25.92 5.30
N ARG A 562 -10.76 -24.73 4.90
CA ARG A 562 -10.09 -23.48 5.22
C ARG A 562 -11.10 -22.49 5.76
N ASN A 563 -10.80 -21.89 6.90
CA ASN A 563 -11.67 -20.90 7.52
C ASN A 563 -11.40 -19.52 6.94
N SER A 564 -12.31 -18.58 7.24
CA SER A 564 -12.10 -17.21 6.81
C SER A 564 -11.05 -16.51 7.67
N HIS A 565 -10.95 -16.88 8.94
CA HIS A 565 -9.97 -16.27 9.84
C HIS A 565 -8.62 -16.95 9.79
N GLU A 566 -8.39 -17.82 8.80
CA GLU A 566 -7.09 -18.44 8.57
C GLU A 566 -6.47 -18.02 7.25
N ILE A 567 -7.10 -17.11 6.51
CA ILE A 567 -6.60 -16.66 5.22
C ILE A 567 -5.74 -15.43 5.44
N TYR A 568 -4.44 -15.54 5.16
CA TYR A 568 -3.50 -14.44 5.34
C TYR A 568 -2.84 -14.07 4.03
N ASN A 569 -3.22 -14.72 2.94
CA ASN A 569 -2.55 -14.58 1.65
C ASN A 569 -3.46 -13.91 0.64
N TYR A 570 -4.18 -12.88 1.08
CA TYR A 570 -5.05 -12.11 0.22
C TYR A 570 -4.21 -11.15 -0.62
N ILE A 571 -4.35 -11.25 -1.95
CA ILE A 571 -3.63 -10.43 -2.93
C ILE A 571 -2.15 -10.30 -2.62
N HIS A 572 -1.61 -11.18 -1.79
CA HIS A 572 -0.21 -11.11 -1.40
C HIS A 572 0.22 -12.33 -0.61
N ASP A 573 1.40 -12.86 -0.89
CA ASP A 573 1.90 -14.01 -0.14
C ASP A 573 2.52 -13.55 1.16
N ARG A 574 1.96 -14.02 2.29
CA ARG A 574 2.50 -13.77 3.62
C ARG A 574 2.58 -15.10 4.35
N THR A 575 3.66 -15.84 4.14
CA THR A 575 3.81 -17.14 4.78
C THR A 575 4.30 -17.00 6.22
N SER A 576 5.24 -16.08 6.46
CA SER A 576 5.75 -15.84 7.80
C SER A 576 4.89 -14.87 8.59
N TYR A 577 3.67 -14.59 8.13
CA TYR A 577 2.74 -13.82 8.94
C TYR A 577 2.11 -14.72 9.99
N TYR A 578 1.55 -14.08 11.03
CA TYR A 578 0.88 -14.66 12.18
C TYR A 578 1.85 -15.24 13.20
N GLU A 579 3.11 -15.48 12.84
CA GLU A 579 4.10 -15.74 13.88
C GLU A 579 4.57 -14.44 14.50
N LEU A 580 4.52 -13.34 13.74
CA LEU A 580 4.73 -12.01 14.28
C LEU A 580 3.51 -11.52 15.04
N TYR A 581 2.32 -11.94 14.63
CA TYR A 581 1.11 -11.65 15.40
C TYR A 581 1.12 -12.38 16.74
N GLN A 582 1.52 -13.66 16.73
CA GLN A 582 1.54 -14.43 17.97
C GLN A 582 2.58 -13.91 18.97
N LYS A 583 3.52 -13.08 18.51
CA LYS A 583 4.56 -12.54 19.39
C LYS A 583 4.31 -11.09 19.77
N ALA A 584 4.08 -10.21 18.80
CA ALA A 584 3.91 -8.79 19.11
C ALA A 584 2.49 -8.50 19.59
N PHE A 585 1.50 -8.73 18.75
CA PHE A 585 0.10 -8.57 19.15
C PHE A 585 -0.48 -9.84 19.75
N GLY A 586 0.26 -10.93 19.75
CA GLY A 586 -0.09 -12.12 20.50
C GLY A 586 0.53 -12.17 21.88
N VAL A 587 1.12 -11.06 22.34
CA VAL A 587 1.74 -10.97 23.66
C VAL A 587 2.55 -12.22 23.99
N GLN A 595 -7.86 -9.91 19.26
CA GLN A 595 -8.04 -10.35 17.87
C GLN A 595 -8.48 -9.35 16.79
N PHE A 596 -8.12 -9.63 15.54
CA PHE A 596 -8.46 -8.77 14.41
C PHE A 596 -7.93 -7.34 14.63
N HIS A 597 -6.68 -7.24 15.08
CA HIS A 597 -6.06 -5.96 15.34
C HIS A 597 -5.15 -5.58 14.17
N ASP A 598 -5.14 -4.27 13.86
CA ASP A 598 -4.38 -3.80 12.71
C ASP A 598 -2.94 -4.27 12.80
N ASN A 599 -2.56 -5.13 11.85
CA ASN A 599 -1.30 -5.86 11.96
C ASN A 599 -0.10 -4.97 11.66
N GLN A 600 -0.06 -4.40 10.45
CA GLN A 600 1.09 -3.69 9.92
C GLN A 600 2.19 -4.67 9.54
N PHE A 601 2.02 -5.95 9.88
CA PHE A 601 3.00 -6.95 9.54
C PHE A 601 2.86 -7.35 8.08
N PHE A 602 3.99 -7.39 7.38
CA PHE A 602 3.96 -7.43 5.93
C PHE A 602 2.96 -6.37 5.47
N PHE A 603 2.15 -6.63 4.44
CA PHE A 603 1.30 -5.57 3.93
C PHE A 603 -0.04 -5.57 4.65
N GLY A 604 -0.83 -6.60 4.43
CA GLY A 604 -2.05 -6.81 5.20
C GLY A 604 -3.25 -6.20 4.50
N PHE A 605 -4.06 -7.02 3.85
CA PHE A 605 -5.33 -6.47 3.40
C PHE A 605 -6.37 -6.66 4.51
N PRO A 606 -7.21 -5.66 4.79
CA PRO A 606 -8.14 -5.80 5.91
C PRO A 606 -8.95 -7.08 5.81
N GLN A 607 -8.97 -7.84 6.89
CA GLN A 607 -9.74 -9.09 6.90
C GLN A 607 -11.21 -8.84 6.65
N ARG A 608 -11.72 -7.65 6.97
CA ARG A 608 -13.13 -7.36 6.76
C ARG A 608 -13.44 -6.92 5.34
N TYR A 609 -12.44 -6.57 4.55
CA TYR A 609 -12.63 -6.15 3.18
C TYR A 609 -12.26 -7.23 2.17
N MET A 610 -12.07 -8.47 2.62
CA MET A 610 -11.69 -9.54 1.70
C MET A 610 -12.79 -9.81 0.68
N LEU A 611 -14.03 -9.88 1.12
CA LEU A 611 -15.15 -10.14 0.22
C LEU A 611 -15.71 -8.82 -0.30
N PRO A 612 -15.76 -8.60 -1.61
CA PRO A 612 -16.35 -7.36 -2.11
C PRO A 612 -17.82 -7.27 -1.74
N ARG A 613 -18.28 -6.03 -1.51
CA ARG A 613 -19.68 -5.81 -1.20
C ARG A 613 -20.56 -6.45 -2.27
N GLY A 614 -21.62 -7.12 -1.84
CA GLY A 614 -22.52 -7.79 -2.74
C GLY A 614 -23.71 -6.92 -3.08
N SER A 615 -24.86 -7.55 -3.23
CA SER A 615 -26.12 -6.87 -3.42
C SER A 615 -27.18 -7.65 -2.64
N PRO A 616 -28.32 -7.02 -2.32
CA PRO A 616 -29.40 -7.78 -1.69
C PRO A 616 -29.82 -8.99 -2.53
N GLU A 617 -29.89 -8.82 -3.85
CA GLU A 617 -30.09 -9.98 -4.72
C GLU A 617 -28.84 -10.84 -4.79
N GLY A 618 -27.67 -10.21 -4.72
CA GLY A 618 -26.41 -10.92 -4.68
C GLY A 618 -25.61 -10.82 -5.96
N MET A 619 -24.63 -9.93 -5.98
CA MET A 619 -23.76 -9.81 -7.13
C MET A 619 -22.96 -11.10 -7.28
N THR A 620 -22.83 -11.57 -8.51
CA THR A 620 -22.33 -12.91 -8.79
C THR A 620 -20.89 -12.84 -9.27
N TYR A 621 -20.00 -13.54 -8.58
CA TYR A 621 -18.59 -13.68 -8.93
C TYR A 621 -18.29 -15.16 -9.12
N GLN A 622 -17.01 -15.48 -9.28
CA GLN A 622 -16.60 -16.87 -9.41
C GLN A 622 -15.25 -17.07 -8.74
N PHE A 623 -15.06 -18.24 -8.16
CA PHE A 623 -13.79 -18.65 -7.59
C PHE A 623 -13.09 -19.64 -8.52
N TYR A 624 -11.82 -19.40 -8.77
CA TYR A 624 -10.97 -20.32 -9.52
C TYR A 624 -10.03 -21.00 -8.56
N VAL A 625 -10.06 -22.34 -8.54
CA VAL A 625 -9.23 -23.14 -7.65
C VAL A 625 -8.18 -23.83 -8.51
N PHE A 626 -6.91 -23.64 -8.16
CA PHE A 626 -5.80 -24.22 -8.90
C PHE A 626 -4.92 -25.00 -7.96
N VAL A 627 -4.35 -26.11 -8.45
CA VAL A 627 -3.47 -26.96 -7.68
C VAL A 627 -2.26 -27.29 -8.55
N THR A 628 -1.07 -27.24 -7.95
CA THR A 628 0.18 -27.44 -8.68
C THR A 628 1.22 -28.06 -7.77
N LYS A 629 2.21 -28.69 -8.38
CA LYS A 629 3.29 -29.30 -7.60
C LYS A 629 4.17 -28.22 -6.99
N TYR A 630 4.74 -28.55 -5.83
CA TYR A 630 5.48 -27.56 -5.05
C TYR A 630 6.72 -27.10 -5.79
N HIS A 631 6.88 -25.78 -5.90
CA HIS A 631 8.10 -25.15 -6.38
C HIS A 631 8.56 -24.15 -5.33
N PRO A 632 9.42 -24.56 -4.38
CA PRO A 632 9.83 -23.62 -3.34
C PRO A 632 10.55 -22.41 -3.92
N TYR A 633 10.34 -21.27 -3.27
CA TYR A 633 10.95 -20.02 -3.71
C TYR A 633 12.41 -19.96 -3.27
N LYS A 634 13.19 -19.20 -4.04
CA LYS A 634 14.63 -19.05 -3.76
C LYS A 634 14.81 -18.11 -2.56
N ALA A 635 14.47 -18.63 -1.38
CA ALA A 635 14.60 -17.86 -0.15
C ALA A 635 16.06 -17.53 0.11
N HIS A 636 16.36 -16.25 0.27
CA HIS A 636 17.73 -15.83 0.52
C HIS A 636 18.16 -16.18 1.95
N ALA A 637 17.23 -16.13 2.90
CA ALA A 637 17.54 -16.43 4.29
C ALA A 637 16.30 -16.98 4.97
N SER A 638 16.53 -17.69 6.08
CA SER A 638 15.44 -18.28 6.85
C SER A 638 14.71 -17.25 7.70
N VAL A 639 15.42 -16.26 8.22
CA VAL A 639 14.80 -15.30 9.14
C VAL A 639 13.69 -14.54 8.41
N PRO A 640 12.47 -14.47 8.95
CA PRO A 640 11.44 -13.65 8.31
C PRO A 640 11.87 -12.19 8.32
N MET A 641 11.90 -11.58 7.14
CA MET A 641 12.35 -10.21 6.99
C MET A 641 12.17 -9.70 5.57
N VAL A 642 11.99 -8.39 5.45
CA VAL A 642 11.87 -7.78 4.13
C VAL A 642 13.21 -7.96 3.41
N GLY A 643 13.15 -8.54 2.21
CA GLY A 643 14.35 -8.81 1.45
C GLY A 643 14.99 -10.15 1.71
N SER A 644 14.47 -10.93 2.66
CA SER A 644 14.98 -12.26 2.93
C SER A 644 14.40 -13.32 2.01
N GLY A 645 13.35 -13.00 1.26
CA GLY A 645 12.76 -13.95 0.34
C GLY A 645 11.85 -14.97 0.98
N MET A 646 11.61 -14.87 2.29
CA MET A 646 10.77 -15.84 3.00
C MET A 646 9.28 -15.54 2.85
N HIS A 647 8.92 -14.45 2.17
CA HIS A 647 7.51 -14.09 2.05
C HIS A 647 6.70 -15.18 1.36
N TYR A 648 7.24 -15.75 0.29
CA TYR A 648 6.43 -16.41 -0.71
C TYR A 648 6.16 -17.88 -0.37
N VAL A 649 5.22 -18.45 -1.11
CA VAL A 649 4.78 -19.83 -0.93
C VAL A 649 5.52 -20.73 -1.91
N ASP A 650 5.34 -20.46 -3.20
CA ASP A 650 5.95 -21.22 -4.27
C ASP A 650 6.75 -20.30 -5.18
N ALA A 651 7.48 -20.90 -6.12
CA ALA A 651 8.33 -20.17 -7.04
C ALA A 651 7.67 -19.91 -8.38
N TYR A 652 6.40 -20.25 -8.53
CA TYR A 652 5.69 -19.92 -9.76
C TYR A 652 5.55 -18.40 -9.88
N PRO A 653 5.41 -17.87 -11.09
CA PRO A 653 5.19 -16.44 -11.24
C PRO A 653 3.96 -15.98 -10.48
N MET A 654 4.02 -14.78 -9.92
CA MET A 654 2.92 -14.26 -9.12
C MET A 654 1.65 -14.22 -9.96
N GLY A 655 0.55 -14.73 -9.37
CA GLY A 655 -0.67 -14.92 -10.14
C GLY A 655 -0.43 -15.88 -11.29
N TYR A 656 0.23 -17.00 -11.00
CA TYR A 656 0.83 -17.81 -12.05
C TYR A 656 -0.14 -18.21 -13.16
N PRO A 657 -1.31 -18.76 -12.88
CA PRO A 657 -2.22 -19.10 -13.98
C PRO A 657 -2.60 -17.90 -14.83
N PHE A 658 -2.76 -16.73 -14.23
CA PHE A 658 -3.28 -15.54 -14.91
C PHE A 658 -2.23 -14.45 -15.02
N ASP A 659 -0.95 -14.76 -14.86
CA ASP A 659 0.09 -13.75 -14.97
C ASP A 659 0.30 -13.27 -16.40
N ARG A 660 -0.28 -13.94 -17.38
CA ARG A 660 -0.12 -13.58 -18.79
C ARG A 660 -1.45 -13.73 -19.49
N PRO A 661 -1.60 -13.15 -20.68
CA PRO A 661 -2.89 -13.25 -21.38
C PRO A 661 -3.28 -14.69 -21.65
N VAL A 662 -4.60 -14.91 -21.66
CA VAL A 662 -5.16 -16.24 -21.87
C VAL A 662 -5.71 -16.32 -23.29
N TYR A 663 -5.19 -17.27 -24.06
CA TYR A 663 -5.58 -17.43 -25.46
C TYR A 663 -6.65 -18.50 -25.66
N TYR A 664 -6.94 -19.30 -24.64
CA TYR A 664 -7.99 -20.32 -24.75
C TYR A 664 -8.60 -20.52 -23.36
N GLU A 665 -9.79 -19.94 -23.14
CA GLU A 665 -10.49 -20.14 -21.88
C GLU A 665 -10.86 -21.60 -21.68
N GLU A 666 -11.30 -22.27 -22.74
CA GLU A 666 -11.66 -23.68 -22.64
C GLU A 666 -10.50 -24.51 -22.14
N LEU A 667 -9.27 -24.07 -22.41
CA LEU A 667 -8.11 -24.75 -21.85
C LEU A 667 -8.10 -24.67 -20.34
N PHE A 668 -8.39 -23.48 -19.79
CA PHE A 668 -8.43 -23.34 -18.33
C PHE A 668 -9.61 -24.07 -17.73
N TYR A 669 -10.68 -24.26 -18.49
CA TYR A 669 -11.81 -25.04 -18.00
C TYR A 669 -11.53 -26.55 -18.05
N ALA A 670 -10.74 -27.00 -19.01
CA ALA A 670 -10.54 -28.43 -19.23
C ALA A 670 -9.47 -29.04 -18.33
N LEU A 671 -8.68 -28.23 -17.64
CA LEU A 671 -7.61 -28.77 -16.81
C LEU A 671 -8.21 -29.51 -15.61
N PRO A 672 -7.90 -30.80 -15.42
CA PRO A 672 -8.44 -31.49 -14.24
C PRO A 672 -8.06 -30.82 -12.93
N ASN A 673 -6.84 -30.31 -12.82
CA ASN A 673 -6.35 -29.70 -11.60
C ASN A 673 -6.86 -28.28 -11.40
N SER A 674 -7.85 -27.85 -12.18
CA SER A 674 -8.48 -26.56 -12.04
C SER A 674 -9.97 -26.73 -11.78
N TYR A 675 -10.60 -25.64 -11.34
CA TYR A 675 -12.04 -25.69 -11.10
C TYR A 675 -12.58 -24.27 -11.01
N PHE A 676 -13.69 -24.01 -11.70
CA PHE A 676 -14.40 -22.75 -11.63
C PHE A 676 -15.68 -22.96 -10.86
N GLN A 677 -15.93 -22.11 -9.86
CA GLN A 677 -17.10 -22.22 -9.02
C GLN A 677 -17.72 -20.85 -8.84
N ASP A 678 -19.05 -20.77 -8.97
CA ASP A 678 -19.77 -19.52 -8.94
C ASP A 678 -20.38 -19.31 -7.57
N VAL A 679 -20.29 -18.07 -7.06
CA VAL A 679 -20.82 -17.71 -5.77
C VAL A 679 -21.54 -16.38 -5.89
N ARG A 680 -22.61 -16.22 -5.12
CA ARG A 680 -23.30 -14.94 -4.97
C ARG A 680 -22.96 -14.40 -3.59
N ILE A 681 -22.45 -13.18 -3.55
CA ILE A 681 -22.14 -12.51 -2.29
C ILE A 681 -23.33 -11.61 -1.96
N TYR A 682 -23.93 -11.83 -0.79
CA TYR A 682 -25.16 -11.17 -0.41
C TYR A 682 -24.87 -10.00 0.52
N TYR A 683 -25.31 -8.81 0.11
CA TYR A 683 -25.23 -7.62 0.94
C TYR A 683 -26.49 -7.49 1.79
N GLN A 684 -26.30 -7.26 3.09
CA GLN A 684 -27.41 -7.11 4.02
C GLN A 684 -27.22 -5.82 4.80
N GLY A 685 -28.25 -4.99 4.84
CA GLY A 685 -28.20 -3.73 5.55
C GLY A 685 -29.09 -2.67 4.92
#